data_5FY8
#
_entry.id   5FY8
#
_cell.length_a   100.930
_cell.length_b   148.910
_cell.length_c   57.050
_cell.angle_alpha   90.00
_cell.angle_beta   90.00
_cell.angle_gamma   90.00
#
_symmetry.space_group_name_H-M   'P 21 21 2'
#
loop_
_entity.id
_entity.type
_entity.pdbx_description
1 polymer 'LYSINE-SPECIFIC DEMETHYLASE 4A'
2 non-polymer 'NICKEL (II) ION'
3 non-polymer 'ZINC ION'
4 non-polymer '3-carboxy-2,3-dideoxy-D-erythro-pentaric acid'
5 non-polymer 'DIMETHYL SULFOXIDE'
6 non-polymer 1,2-ETHANEDIOL
7 water water
#
_entity_poly.entity_id   1
_entity_poly.type   'polypeptide(L)'
_entity_poly.pdbx_seq_one_letter_code
;MHHHHHHSSGVDLGTENLYFQSMASESETLNPSARIMTFYPTMEEFRNFSRYIAYIESQGAHRAGLAKVVPPKEWKPRAS
YDDIDDLVIPAPIQQLVTGQSGLFTQYNIQKKAMTVREFRKIANSDKYCTPRYSEFEELERKYWKNLTFNPPIYGADVNG
TLYEKHVDEWNIGRLRTILDLVEKESGITIEGVNTPYLYFGMWKTSFAWHTEDMDLYSINYLHFGEPKSWYSVPPEHGKR
LERLAKGFFPGSAQSCEAFLRHKMTLISPLMLKKYGIPFDKVTQEAGEFMITFPYGYHAGFNHGFNCAESTNFATRRWIE
YGKQAVLCSCRKDMVKISMDVFVRKFQPERYKLWKAGKDNTVIDHTLPTPEAAEFLKESEL
;
_entity_poly.pdbx_strand_id   A,B
#
loop_
_chem_comp.id
_chem_comp.type
_chem_comp.name
_chem_comp.formula
DMS non-polymer 'DIMETHYL SULFOXIDE' 'C2 H6 O S'
EDO non-polymer 1,2-ETHANEDIOL 'C2 H6 O2'
N81 non-polymer '3-carboxy-2,3-dideoxy-D-erythro-pentaric acid' 'C6 H8 O7'
NI non-polymer 'NICKEL (II) ION' 'Ni 2'
ZN non-polymer 'ZINC ION' 'Zn 2'
#
# COMPACT_ATOMS: atom_id res chain seq x y z
N GLU A 26 -13.66 19.27 -3.48
CA GLU A 26 -13.22 20.47 -2.78
C GLU A 26 -12.23 20.14 -1.67
N SER A 27 -12.57 19.10 -0.89
CA SER A 27 -11.71 18.64 0.20
C SER A 27 -10.62 17.73 -0.34
N GLU A 28 -10.94 17.03 -1.41
CA GLU A 28 -9.98 16.15 -2.05
C GLU A 28 -8.84 16.97 -2.65
N THR A 29 -9.12 18.23 -2.91
CA THR A 29 -8.17 19.16 -3.51
C THR A 29 -6.94 19.37 -2.61
N LEU A 30 -7.20 19.54 -1.32
CA LEU A 30 -6.17 19.88 -0.33
C LEU A 30 -5.42 18.70 0.28
N ASN A 31 -4.10 18.79 0.28
CA ASN A 31 -3.16 17.72 0.63
C ASN A 31 -3.56 16.42 -0.05
N PRO A 32 -3.50 16.39 -1.39
CA PRO A 32 -3.95 15.21 -2.12
C PRO A 32 -2.90 14.10 -2.06
N SER A 33 -1.69 14.47 -1.63
CA SER A 33 -0.61 13.53 -1.45
C SER A 33 -0.62 12.97 -0.03
N ALA A 34 -1.58 13.45 0.76
CA ALA A 34 -1.79 13.01 2.13
C ALA A 34 -0.48 13.01 2.90
N ARG A 35 0.30 14.08 2.72
CA ARG A 35 1.62 14.18 3.33
C ARG A 35 1.54 14.85 4.69
N ILE A 36 2.48 14.50 5.57
CA ILE A 36 2.47 15.09 6.91
C ILE A 36 2.78 16.59 6.84
N MET A 37 1.85 17.40 7.31
CA MET A 37 2.01 18.85 7.26
C MET A 37 2.47 19.41 8.59
N THR A 38 3.15 20.54 8.52
CA THR A 38 3.69 21.22 9.70
C THR A 38 3.09 22.62 9.83
N PHE A 39 2.71 23.01 11.05
CA PHE A 39 2.04 24.28 11.25
C PHE A 39 2.73 25.15 12.30
N TYR A 40 2.73 26.44 12.02
CA TYR A 40 3.36 27.42 12.89
C TYR A 40 2.35 28.49 13.25
N PRO A 41 1.48 28.16 14.21
CA PRO A 41 0.44 29.11 14.58
C PRO A 41 1.04 30.26 15.35
N THR A 42 0.47 31.45 15.16
CA THR A 42 0.76 32.60 15.99
C THR A 42 0.13 32.39 17.36
N MET A 43 0.39 33.29 18.29
CA MET A 43 -0.24 33.19 19.61
C MET A 43 -1.77 33.35 19.54
N GLU A 44 -2.26 34.19 18.63
CA GLU A 44 -3.71 34.43 18.55
C GLU A 44 -4.42 33.18 18.10
N GLU A 45 -3.79 32.45 17.19
CA GLU A 45 -4.34 31.21 16.67
C GLU A 45 -4.20 30.07 17.68
N PHE A 46 -3.13 30.12 18.46
CA PHE A 46 -2.80 29.07 19.41
C PHE A 46 -3.81 29.02 20.55
N ARG A 47 -4.50 30.13 20.80
CA ARG A 47 -5.35 30.28 21.97
C ARG A 47 -6.58 29.36 21.99
N ASN A 48 -7.22 29.19 20.83
CA ASN A 48 -8.41 28.33 20.74
C ASN A 48 -8.06 26.97 20.13
N PHE A 49 -8.04 25.94 20.97
CA PHE A 49 -7.57 24.63 20.55
C PHE A 49 -8.43 24.03 19.44
N SER A 50 -9.72 23.88 19.71
CA SER A 50 -10.62 23.25 18.75
C SER A 50 -10.67 24.00 17.44
N ARG A 51 -10.51 25.32 17.50
CA ARG A 51 -10.55 26.16 16.32
C ARG A 51 -9.37 25.79 15.40
N TYR A 52 -8.18 25.73 15.98
CA TYR A 52 -7.01 25.45 15.17
C TYR A 52 -7.02 24.01 14.63
N ILE A 53 -7.57 23.07 15.38
CA ILE A 53 -7.72 21.71 14.85
C ILE A 53 -8.65 21.75 13.66
N ALA A 54 -9.74 22.49 13.77
CA ALA A 54 -10.64 22.63 12.64
C ALA A 54 -9.91 23.26 11.46
N TYR A 55 -9.01 24.20 11.76
CA TYR A 55 -8.24 24.87 10.72
C TYR A 55 -7.28 23.95 9.97
N ILE A 56 -6.43 23.23 10.69
CA ILE A 56 -5.43 22.39 10.02
C ILE A 56 -6.13 21.31 9.20
N GLU A 57 -7.31 20.89 9.63
CA GLU A 57 -8.13 19.98 8.86
C GLU A 57 -8.68 20.66 7.59
N SER A 58 -8.94 21.95 7.67
CA SER A 58 -9.45 22.67 6.50
C SER A 58 -8.35 22.73 5.43
N GLN A 59 -7.11 22.56 5.88
CA GLN A 59 -5.95 22.49 5.00
C GLN A 59 -5.60 21.06 4.56
N GLY A 60 -6.37 20.08 5.00
CA GLY A 60 -6.14 18.69 4.61
C GLY A 60 -5.14 17.92 5.48
N ALA A 61 -4.73 18.50 6.59
CA ALA A 61 -3.73 17.87 7.46
C ALA A 61 -4.12 16.46 7.89
N HIS A 62 -5.42 16.23 8.11
CA HIS A 62 -5.85 14.96 8.65
C HIS A 62 -5.61 13.81 7.71
N ARG A 63 -5.51 14.10 6.42
CA ARG A 63 -5.39 13.07 5.40
C ARG A 63 -4.11 12.26 5.58
N ALA A 64 -3.10 12.87 6.19
CA ALA A 64 -1.87 12.15 6.45
C ALA A 64 -2.01 11.27 7.73
N GLY A 65 -3.01 11.57 8.57
CA GLY A 65 -3.21 10.86 9.83
C GLY A 65 -2.39 11.46 10.96
N LEU A 66 -1.51 12.38 10.61
CA LEU A 66 -0.55 12.90 11.58
C LEU A 66 -0.13 14.31 11.18
N ALA A 67 -0.02 15.20 12.16
CA ALA A 67 0.41 16.57 11.89
C ALA A 67 1.31 17.10 12.99
N LYS A 68 2.23 17.97 12.61
CA LYS A 68 3.09 18.58 13.60
C LYS A 68 2.65 20.02 13.83
N VAL A 69 2.64 20.43 15.09
CA VAL A 69 2.33 21.81 15.35
C VAL A 69 3.39 22.44 16.22
N VAL A 70 4.07 23.43 15.68
CA VAL A 70 5.10 24.09 16.44
C VAL A 70 4.49 25.30 17.12
N PRO A 71 4.49 25.30 18.45
CA PRO A 71 3.89 26.41 19.19
C PRO A 71 4.79 27.65 19.12
N PRO A 72 4.21 28.85 19.28
CA PRO A 72 4.99 30.09 19.33
C PRO A 72 6.10 30.06 20.37
N LYS A 73 7.27 30.64 20.06
CA LYS A 73 8.42 30.61 20.97
C LYS A 73 8.07 31.30 22.28
N GLU A 74 7.09 32.19 22.20
CA GLU A 74 6.52 32.86 23.36
C GLU A 74 6.14 31.84 24.42
N TRP A 75 5.36 30.86 23.98
CA TRP A 75 4.68 29.93 24.84
C TRP A 75 5.61 28.89 25.47
N LYS A 76 5.35 28.58 26.73
CA LYS A 76 5.99 27.45 27.40
C LYS A 76 5.03 26.94 28.48
N PRO A 77 4.88 25.61 28.56
CA PRO A 77 3.89 24.97 29.43
C PRO A 77 4.40 24.85 30.85
N ARG A 78 5.70 25.07 31.01
CA ARG A 78 6.34 24.94 32.31
C ARG A 78 7.62 25.77 32.30
N ALA A 79 7.92 26.40 33.42
CA ALA A 79 9.08 27.26 33.50
C ALA A 79 10.38 26.45 33.55
N SER A 80 10.37 25.34 34.28
CA SER A 80 11.58 24.54 34.41
C SER A 80 11.34 23.08 34.78
N TYR A 81 12.09 22.19 34.12
CA TYR A 81 11.98 20.77 34.32
C TYR A 81 13.13 20.26 35.18
N ASP A 82 13.39 20.93 36.30
CA ASP A 82 14.46 20.53 37.21
C ASP A 82 13.79 20.02 38.46
N ASP A 83 12.49 20.24 38.49
CA ASP A 83 11.64 19.90 39.61
C ASP A 83 11.35 18.39 39.69
N ILE A 84 11.72 17.64 38.66
CA ILE A 84 11.09 16.33 38.50
C ILE A 84 11.92 15.05 38.67
N ASP A 85 13.16 15.16 39.12
CA ASP A 85 13.99 13.95 39.25
C ASP A 85 13.43 12.94 40.24
N ASP A 86 12.52 13.38 41.10
CA ASP A 86 12.02 12.48 42.13
C ASP A 86 10.64 11.91 41.83
N LEU A 87 10.09 12.29 40.69
CA LEU A 87 8.80 11.79 40.26
C LEU A 87 8.92 10.28 40.01
N VAL A 88 7.95 9.52 40.53
CA VAL A 88 7.98 8.07 40.43
C VAL A 88 7.32 7.54 39.14
N ILE A 89 8.03 6.63 38.47
CA ILE A 89 7.45 5.83 37.38
C ILE A 89 7.07 4.47 37.93
N PRO A 90 5.79 4.31 38.28
CA PRO A 90 5.27 3.14 39.02
C PRO A 90 5.49 1.82 38.29
N ALA A 91 5.40 1.87 36.97
CA ALA A 91 5.40 0.64 36.18
C ALA A 91 6.28 0.77 34.95
N PRO A 92 7.60 0.82 35.15
CA PRO A 92 8.49 0.82 33.99
C PRO A 92 8.30 -0.45 33.15
N ILE A 93 8.47 -0.35 31.84
CA ILE A 93 8.19 -1.47 30.95
C ILE A 93 9.46 -1.83 30.20
N GLN A 94 9.92 -3.06 30.35
CA GLN A 94 11.03 -3.52 29.52
C GLN A 94 10.46 -4.12 28.21
N GLN A 95 10.93 -3.60 27.09
CA GLN A 95 10.37 -3.94 25.78
C GLN A 95 11.14 -5.03 25.10
N LEU A 96 10.66 -6.25 25.19
CA LEU A 96 11.26 -7.31 24.39
C LEU A 96 10.63 -7.44 23.03
N VAL A 97 11.48 -7.50 22.00
CA VAL A 97 11.02 -7.52 20.64
C VAL A 97 11.58 -8.75 19.94
N THR A 98 10.66 -9.55 19.41
CA THR A 98 11.00 -10.73 18.63
C THR A 98 10.49 -10.61 17.20
N GLY A 99 11.34 -10.99 16.25
CA GLY A 99 11.01 -11.00 14.83
C GLY A 99 12.20 -10.86 13.92
N GLN A 100 11.92 -10.72 12.62
CA GLN A 100 12.93 -10.67 11.54
C GLN A 100 12.27 -10.12 10.27
N SER A 101 13.06 -9.70 9.30
CA SER A 101 12.52 -9.31 7.99
C SER A 101 11.47 -8.22 8.10
N GLY A 102 11.69 -7.25 8.97
CA GLY A 102 10.79 -6.13 9.13
C GLY A 102 9.50 -6.38 9.91
N LEU A 103 9.27 -7.59 10.40
CA LEU A 103 8.06 -7.88 11.20
C LEU A 103 8.40 -8.29 12.61
N PHE A 104 7.78 -7.65 13.58
CA PHE A 104 8.15 -7.90 14.95
C PHE A 104 6.94 -7.87 15.88
N THR A 105 7.04 -8.62 16.97
CA THR A 105 6.08 -8.57 18.05
C THR A 105 6.79 -8.16 19.34
N GLN A 106 6.25 -7.14 19.98
CA GLN A 106 6.85 -6.56 21.15
C GLN A 106 6.15 -7.07 22.39
N TYR A 107 6.94 -7.64 23.33
CA TYR A 107 6.41 -8.13 24.59
C TYR A 107 6.79 -7.19 25.74
N ASN A 108 5.83 -6.89 26.60
CA ASN A 108 6.12 -6.04 27.74
C ASN A 108 6.51 -6.83 28.99
N ILE A 109 7.59 -6.41 29.60
CA ILE A 109 7.96 -6.98 30.89
C ILE A 109 7.99 -5.85 31.89
N GLN A 110 7.14 -5.96 32.89
CA GLN A 110 7.06 -4.88 33.87
C GLN A 110 8.19 -4.99 34.87
N LYS A 111 8.86 -3.87 35.08
CA LYS A 111 9.94 -3.76 36.03
C LYS A 111 9.41 -3.04 37.26
N LYS A 112 10.14 -3.13 38.37
CA LYS A 112 9.73 -2.46 39.59
C LYS A 112 9.87 -0.96 39.39
N ALA A 113 9.10 -0.21 40.19
CA ALA A 113 9.08 1.25 40.14
C ALA A 113 10.46 1.89 40.21
N MET A 114 10.53 3.13 39.77
CA MET A 114 11.77 3.86 39.75
C MET A 114 11.50 5.33 39.51
N THR A 115 12.45 6.16 39.91
CA THR A 115 12.33 7.61 39.79
C THR A 115 12.87 8.08 38.47
N VAL A 116 12.52 9.30 38.09
CA VAL A 116 13.06 9.89 36.89
C VAL A 116 14.59 9.91 36.93
N ARG A 117 15.14 10.22 38.10
CA ARG A 117 16.59 10.28 38.23
C ARG A 117 17.15 8.89 37.94
N GLU A 118 16.52 7.88 38.53
CA GLU A 118 16.90 6.50 38.30
C GLU A 118 16.80 6.11 36.81
N PHE A 119 15.70 6.50 36.18
CA PHE A 119 15.47 6.19 34.78
C PHE A 119 16.52 6.86 33.91
N ARG A 120 16.75 8.16 34.14
CA ARG A 120 17.73 8.91 33.35
C ARG A 120 19.12 8.24 33.46
N LYS A 121 19.44 7.77 34.66
CA LYS A 121 20.74 7.12 34.89
C LYS A 121 20.86 5.87 34.03
N ILE A 122 19.85 5.00 34.08
CA ILE A 122 19.83 3.84 33.20
C ILE A 122 19.84 4.26 31.72
N ALA A 123 19.07 5.29 31.37
CA ALA A 123 18.94 5.72 29.98
C ALA A 123 20.23 6.23 29.37
N ASN A 124 20.96 7.02 30.15
CA ASN A 124 22.15 7.67 29.62
C ASN A 124 23.39 6.82 29.76
N SER A 125 23.24 5.68 30.45
CA SER A 125 24.33 4.74 30.60
C SER A 125 24.85 4.29 29.23
N ASP A 126 26.04 3.71 29.21
CA ASP A 126 26.66 3.31 27.96
C ASP A 126 25.92 2.14 27.35
N LYS A 127 25.31 1.33 28.24
CA LYS A 127 24.55 0.16 27.82
C LYS A 127 23.34 0.56 26.97
N TYR A 128 22.70 1.67 27.35
CA TYR A 128 21.40 2.04 26.79
C TYR A 128 21.34 3.33 26.00
N CYS A 129 22.44 4.06 25.86
CA CYS A 129 22.34 5.40 25.27
C CYS A 129 22.37 5.35 23.77
N THR A 130 22.03 6.46 23.15
CA THR A 130 22.01 6.63 21.71
C THR A 130 23.35 6.36 21.07
N PRO A 131 23.36 5.58 19.98
CA PRO A 131 24.63 5.48 19.27
C PRO A 131 24.96 6.77 18.53
N ARG A 132 26.22 6.93 18.14
CA ARG A 132 26.64 8.08 17.36
C ARG A 132 26.17 7.87 15.93
N TYR A 133 25.87 8.96 15.22
CA TYR A 133 25.38 8.87 13.85
C TYR A 133 25.51 10.21 13.10
N SER A 134 25.39 10.16 11.77
CA SER A 134 25.44 11.37 10.96
C SER A 134 24.04 11.89 10.64
N GLU A 135 23.43 11.36 9.58
CA GLU A 135 22.09 11.78 9.19
C GLU A 135 21.01 10.91 9.87
N PHE A 136 19.79 11.43 9.96
CA PHE A 136 18.70 10.71 10.62
C PHE A 136 18.51 9.32 10.05
N GLU A 137 18.66 9.19 8.74
CA GLU A 137 18.46 7.91 8.07
C GLU A 137 19.32 6.83 8.69
N GLU A 138 20.43 7.25 9.30
CA GLU A 138 21.38 6.32 9.90
C GLU A 138 20.88 5.85 11.26
N LEU A 139 20.37 6.78 12.06
CA LEU A 139 19.81 6.39 13.35
C LEU A 139 18.64 5.41 13.12
N GLU A 140 17.83 5.70 12.09
CA GLU A 140 16.68 4.90 11.70
C GLU A 140 17.04 3.47 11.30
N ARG A 141 18.06 3.32 10.45
CA ARG A 141 18.53 1.99 10.03
C ARG A 141 19.10 1.21 11.21
N LYS A 142 19.79 1.89 12.13
CA LYS A 142 20.29 1.24 13.34
C LYS A 142 19.13 0.78 14.20
N TYR A 143 18.08 1.60 14.25
CA TYR A 143 16.91 1.24 15.03
C TYR A 143 16.32 -0.07 14.54
N TRP A 144 16.09 -0.17 13.23
CA TRP A 144 15.47 -1.36 12.64
C TRP A 144 16.44 -2.53 12.58
N LYS A 145 17.72 -2.25 12.77
CA LYS A 145 18.71 -3.31 12.79
C LYS A 145 18.84 -3.90 14.21
N ASN A 146 18.73 -3.06 15.24
CA ASN A 146 19.01 -3.52 16.60
C ASN A 146 17.80 -3.57 17.51
N LEU A 147 16.64 -3.46 16.88
CA LEU A 147 15.35 -3.46 17.56
C LEU A 147 15.21 -4.63 18.53
N THR A 148 15.68 -5.81 18.11
CA THR A 148 15.47 -6.99 18.91
C THR A 148 16.60 -7.24 19.94
N PHE A 149 17.65 -6.40 19.94
CA PHE A 149 18.75 -6.58 20.89
C PHE A 149 18.67 -5.60 22.06
N ASN A 150 19.24 -6.00 23.19
CA ASN A 150 19.44 -5.10 24.32
C ASN A 150 18.15 -4.36 24.73
N PRO A 151 17.14 -5.12 25.16
CA PRO A 151 15.81 -4.56 25.36
C PRO A 151 15.78 -3.37 26.32
N PRO A 152 15.25 -2.23 25.84
CA PRO A 152 15.23 -0.96 26.59
C PRO A 152 14.10 -0.90 27.58
N ILE A 153 14.04 0.20 28.33
CA ILE A 153 12.97 0.35 29.29
C ILE A 153 12.23 1.63 28.93
N TYR A 154 10.90 1.58 29.05
CA TYR A 154 10.04 2.68 28.65
C TYR A 154 9.26 3.09 29.88
N GLY A 155 9.41 4.36 30.28
CA GLY A 155 8.68 4.90 31.42
C GLY A 155 7.30 5.34 30.95
N ALA A 156 6.42 4.35 30.77
CA ALA A 156 5.19 4.58 30.02
C ALA A 156 3.95 4.60 30.88
N ASP A 157 2.89 5.22 30.34
CA ASP A 157 1.58 5.26 30.99
C ASP A 157 1.69 5.79 32.41
N VAL A 158 2.47 6.85 32.60
CA VAL A 158 2.55 7.49 33.90
C VAL A 158 1.43 8.54 34.05
N ASN A 159 0.51 8.31 34.98
CA ASN A 159 -0.56 9.26 35.21
C ASN A 159 -0.02 10.58 35.71
N GLY A 160 -0.36 11.67 35.02
CA GLY A 160 0.16 12.97 35.41
C GLY A 160 0.39 13.95 34.28
N THR A 161 0.63 15.20 34.64
CA THR A 161 0.89 16.26 33.69
C THR A 161 2.14 17.04 34.08
N LEU A 162 2.77 17.68 33.10
CA LEU A 162 3.88 18.55 33.41
C LEU A 162 3.51 20.01 33.10
N TYR A 163 2.24 20.26 32.83
CA TYR A 163 1.78 21.63 32.60
C TYR A 163 1.68 22.41 33.89
N GLU A 164 2.09 23.67 33.86
CA GLU A 164 1.91 24.57 35.00
C GLU A 164 0.42 24.87 35.11
N LYS A 165 -0.08 24.88 36.34
CA LYS A 165 -1.51 25.03 36.66
C LYS A 165 -2.29 26.05 35.84
N HIS A 166 -1.66 27.15 35.47
CA HIS A 166 -2.38 28.26 34.85
C HIS A 166 -2.19 28.37 33.35
N VAL A 167 -1.42 27.45 32.74
CA VAL A 167 -1.27 27.48 31.29
C VAL A 167 -2.61 27.14 30.63
N ASP A 168 -3.19 28.11 29.92
CA ASP A 168 -4.54 27.95 29.34
C ASP A 168 -4.56 27.57 27.87
N GLU A 169 -3.38 27.42 27.28
CA GLU A 169 -3.30 27.11 25.86
C GLU A 169 -2.76 25.71 25.64
N TRP A 170 -3.52 24.90 24.91
CA TRP A 170 -3.13 23.54 24.56
C TRP A 170 -2.73 22.76 25.80
N ASN A 171 -3.49 22.93 26.87
CA ASN A 171 -3.23 22.18 28.08
C ASN A 171 -3.83 20.79 27.96
N ILE A 172 -2.95 19.79 27.89
CA ILE A 172 -3.35 18.41 27.68
C ILE A 172 -4.28 17.95 28.82
N GLY A 173 -4.13 18.57 29.98
CA GLY A 173 -4.95 18.26 31.14
C GLY A 173 -6.37 18.79 31.03
N ARG A 174 -6.59 19.80 30.21
CA ARG A 174 -7.94 20.35 30.05
C ARG A 174 -8.15 21.05 28.70
N LEU A 175 -8.20 20.27 27.63
CA LEU A 175 -8.31 20.83 26.27
C LEU A 175 -9.72 21.35 25.96
N ARG A 176 -10.70 20.88 26.73
CA ARG A 176 -12.10 21.29 26.63
C ARG A 176 -12.79 20.94 25.29
N THR A 177 -12.51 19.76 24.76
CA THR A 177 -13.22 19.27 23.58
C THR A 177 -14.44 18.46 23.98
N ILE A 178 -15.20 18.05 22.98
CA ILE A 178 -16.41 17.29 23.26
C ILE A 178 -16.13 15.89 23.83
N LEU A 179 -14.87 15.46 23.91
CA LEU A 179 -14.58 14.18 24.58
C LEU A 179 -14.98 14.32 26.05
N ASP A 180 -15.02 15.56 26.55
CA ASP A 180 -15.42 15.85 27.92
C ASP A 180 -16.83 15.36 28.23
N LEU A 181 -17.66 15.16 27.20
CA LEU A 181 -18.99 14.61 27.42
C LEU A 181 -18.99 13.25 28.06
N VAL A 182 -17.88 12.53 28.00
CA VAL A 182 -17.82 11.21 28.60
C VAL A 182 -17.78 11.32 30.12
N GLU A 183 -16.91 12.17 30.64
CA GLU A 183 -16.80 12.31 32.07
C GLU A 183 -18.04 13.06 32.56
N LYS A 184 -18.45 14.09 31.82
CA LYS A 184 -19.56 14.96 32.20
C LYS A 184 -20.83 14.17 32.41
N GLU A 185 -21.16 13.33 31.44
CA GLU A 185 -22.36 12.52 31.52
C GLU A 185 -22.26 11.39 32.56
N SER A 186 -21.15 10.66 32.59
CA SER A 186 -21.11 9.41 33.33
C SER A 186 -20.13 9.35 34.52
N GLY A 187 -19.32 10.39 34.68
CA GLY A 187 -18.30 10.38 35.73
C GLY A 187 -17.09 9.52 35.37
N ILE A 188 -17.14 8.82 34.23
CA ILE A 188 -16.09 7.86 33.89
C ILE A 188 -14.82 8.49 33.35
N THR A 189 -13.68 8.08 33.91
CA THR A 189 -12.39 8.49 33.42
C THR A 189 -11.64 7.26 32.97
N ILE A 190 -11.04 7.36 31.78
CA ILE A 190 -10.24 6.31 31.21
C ILE A 190 -8.81 6.85 31.13
N GLU A 191 -7.91 6.29 31.94
CA GLU A 191 -6.56 6.79 32.06
C GLU A 191 -5.79 6.86 30.74
N GLY A 192 -5.23 8.04 30.49
CA GLY A 192 -4.49 8.31 29.28
C GLY A 192 -5.38 8.70 28.12
N VAL A 193 -6.68 8.48 28.25
CA VAL A 193 -7.59 8.72 27.15
C VAL A 193 -8.33 10.05 27.34
N ASN A 194 -9.04 10.22 28.45
CA ASN A 194 -9.53 11.54 28.82
C ASN A 194 -8.81 12.08 30.07
N THR A 195 -7.64 11.50 30.38
CA THR A 195 -6.73 12.02 31.40
C THR A 195 -5.32 12.00 30.77
N PRO A 196 -4.35 12.78 31.30
CA PRO A 196 -3.03 12.79 30.65
C PRO A 196 -2.12 11.66 31.10
N TYR A 197 -1.21 11.28 30.20
CA TYR A 197 -0.16 10.32 30.46
C TYR A 197 1.18 10.93 30.14
N LEU A 198 2.19 10.49 30.86
CA LEU A 198 3.55 10.95 30.64
C LEU A 198 4.39 9.75 30.21
N TYR A 199 5.26 9.96 29.23
CA TYR A 199 6.08 8.88 28.69
C TYR A 199 7.55 9.23 28.73
N PHE A 200 8.30 8.55 29.60
CA PHE A 200 9.74 8.72 29.67
C PHE A 200 10.42 7.69 28.80
N GLY A 201 11.14 8.17 27.79
CA GLY A 201 11.77 7.27 26.84
C GLY A 201 13.27 7.22 26.93
N MET A 202 13.84 6.19 26.31
CA MET A 202 15.27 6.12 26.07
C MET A 202 15.42 5.62 24.66
N TRP A 203 16.67 5.50 24.21
CA TRP A 203 16.97 5.05 22.87
C TRP A 203 16.32 3.71 22.57
N LYS A 204 15.68 3.61 21.41
CA LYS A 204 15.20 2.34 20.86
C LYS A 204 13.90 1.89 21.54
N THR A 205 13.31 2.73 22.40
CA THR A 205 11.97 2.46 22.94
C THR A 205 10.94 2.76 21.87
N SER A 206 9.95 1.89 21.76
CA SER A 206 9.07 1.89 20.60
C SER A 206 7.59 2.06 20.94
N PHE A 207 6.83 2.65 20.02
CA PHE A 207 5.39 2.43 20.07
C PHE A 207 4.93 1.78 18.77
N ALA A 208 4.22 0.66 18.93
CA ALA A 208 3.76 -0.17 17.83
C ALA A 208 2.66 0.50 17.00
N TRP A 209 2.41 -0.04 15.82
CA TRP A 209 1.36 0.43 14.93
C TRP A 209 -0.02 0.33 15.55
N HIS A 210 -0.75 1.45 15.54
CA HIS A 210 -2.10 1.47 16.08
C HIS A 210 -2.84 2.76 15.75
N THR A 211 -4.17 2.68 15.82
CA THR A 211 -4.96 3.88 15.96
C THR A 211 -5.33 4.06 17.42
N GLU A 212 -5.87 5.22 17.75
CA GLU A 212 -6.23 5.50 19.14
C GLU A 212 -7.44 4.65 19.52
N ASP A 213 -7.65 4.45 20.82
CA ASP A 213 -8.89 3.85 21.28
C ASP A 213 -10.10 4.59 20.73
N MET A 214 -11.10 3.81 20.30
CA MET A 214 -12.33 4.37 19.71
C MET A 214 -12.00 5.26 18.50
N ASP A 215 -10.82 5.05 17.94
CA ASP A 215 -10.29 5.85 16.83
C ASP A 215 -10.38 7.35 17.09
N LEU A 216 -10.12 7.75 18.32
CA LEU A 216 -10.08 9.16 18.69
C LEU A 216 -8.84 9.87 18.09
N TYR A 217 -8.76 11.18 18.28
CA TYR A 217 -7.54 11.92 18.07
C TYR A 217 -6.61 11.71 19.23
N SER A 218 -5.32 11.98 18.99
CA SER A 218 -4.45 12.25 20.13
C SER A 218 -3.65 13.52 19.92
N ILE A 219 -3.20 14.07 21.04
CA ILE A 219 -2.25 15.16 21.04
C ILE A 219 -1.00 14.69 21.82
N ASN A 220 0.18 14.92 21.25
CA ASN A 220 1.41 14.50 21.93
C ASN A 220 2.38 15.69 22.03
N TYR A 221 2.76 16.06 23.25
CA TYR A 221 3.74 17.13 23.45
C TYR A 221 5.05 16.57 24.01
N LEU A 222 6.15 16.85 23.33
CA LEU A 222 7.46 16.39 23.79
C LEU A 222 8.11 17.48 24.67
N HIS A 223 8.02 17.33 25.98
CA HIS A 223 8.49 18.36 26.91
C HIS A 223 9.98 18.62 26.73
N PHE A 224 10.80 17.57 26.78
CA PHE A 224 12.25 17.72 26.64
C PHE A 224 12.92 16.42 26.21
N GLY A 225 14.16 16.54 25.75
CA GLY A 225 14.99 15.39 25.50
C GLY A 225 15.20 15.19 24.02
N GLU A 226 15.68 13.99 23.71
CA GLU A 226 15.94 13.58 22.33
C GLU A 226 14.67 13.47 21.53
N PRO A 227 14.78 13.50 20.20
CA PRO A 227 13.57 13.49 19.38
C PRO A 227 12.81 12.17 19.45
N LYS A 228 11.57 12.22 18.98
CA LYS A 228 10.72 11.06 18.79
C LYS A 228 10.39 11.03 17.32
N SER A 229 10.70 9.93 16.65
CA SER A 229 10.37 9.80 15.24
C SER A 229 9.08 8.99 15.05
N TRP A 230 8.30 9.40 14.05
CA TRP A 230 6.98 8.86 13.80
C TRP A 230 6.90 8.30 12.41
N TYR A 231 6.10 7.25 12.26
CA TYR A 231 5.62 6.79 10.94
C TYR A 231 4.10 6.94 10.96
N SER A 232 3.49 7.17 9.80
CA SER A 232 2.04 7.32 9.72
CA SER A 232 2.04 7.30 9.73
C SER A 232 1.47 6.81 8.40
N VAL A 233 0.30 6.22 8.45
CA VAL A 233 -0.42 5.78 7.25
C VAL A 233 -1.71 6.61 7.15
N PRO A 234 -1.98 7.19 5.97
CA PRO A 234 -3.26 7.89 5.73
C PRO A 234 -4.48 7.06 6.11
N PRO A 235 -5.42 7.66 6.83
CA PRO A 235 -6.68 6.99 7.16
C PRO A 235 -7.37 6.40 5.92
N GLU A 236 -7.30 7.09 4.80
CA GLU A 236 -7.94 6.56 3.60
C GLU A 236 -7.25 5.30 3.08
N HIS A 237 -6.07 4.98 3.60
CA HIS A 237 -5.42 3.72 3.21
C HIS A 237 -5.22 2.78 4.42
N GLY A 238 -5.78 3.16 5.55
CA GLY A 238 -5.64 2.38 6.77
C GLY A 238 -6.06 0.94 6.62
N LYS A 239 -7.14 0.70 5.89
CA LYS A 239 -7.63 -0.66 5.73
C LYS A 239 -6.60 -1.51 5.03
N ARG A 240 -5.77 -0.91 4.20
CA ARG A 240 -4.74 -1.63 3.45
CA ARG A 240 -4.81 -1.72 3.47
C ARG A 240 -3.71 -2.18 4.44
N LEU A 241 -3.27 -1.32 5.35
CA LEU A 241 -2.33 -1.72 6.39
C LEU A 241 -2.89 -2.91 7.20
N GLU A 242 -4.19 -2.88 7.49
CA GLU A 242 -4.79 -3.98 8.28
C GLU A 242 -4.77 -5.31 7.52
N ARG A 243 -5.08 -5.25 6.23
CA ARG A 243 -5.05 -6.45 5.37
C ARG A 243 -3.68 -7.10 5.41
N LEU A 244 -2.66 -6.26 5.30
CA LEU A 244 -1.27 -6.69 5.37
C LEU A 244 -0.96 -7.31 6.75
N ALA A 245 -1.36 -6.63 7.81
CA ALA A 245 -1.10 -7.09 9.15
C ALA A 245 -1.75 -8.44 9.40
N LYS A 246 -3.01 -8.59 8.95
CA LYS A 246 -3.71 -9.88 9.06
C LYS A 246 -2.96 -10.98 8.35
N GLY A 247 -2.46 -10.67 7.16
CA GLY A 247 -1.71 -11.61 6.35
C GLY A 247 -0.42 -12.04 6.99
N PHE A 248 0.25 -11.11 7.66
CA PHE A 248 1.52 -11.47 8.30
C PHE A 248 1.37 -12.06 9.69
N PHE A 249 0.26 -11.76 10.36
CA PHE A 249 0.02 -12.32 11.70
C PHE A 249 -1.32 -13.06 11.79
N PRO A 250 -1.47 -14.15 11.03
CA PRO A 250 -2.77 -14.82 10.93
C PRO A 250 -3.34 -15.37 12.25
N GLY A 251 -2.48 -15.89 13.12
CA GLY A 251 -2.96 -16.39 14.40
C GLY A 251 -3.56 -15.30 15.27
N SER A 252 -2.88 -14.16 15.30
CA SER A 252 -3.38 -13.00 16.02
C SER A 252 -4.68 -12.51 15.38
N ALA A 253 -4.73 -12.54 14.05
CA ALA A 253 -5.91 -12.10 13.33
C ALA A 253 -7.11 -12.98 13.68
N GLN A 254 -6.90 -14.29 13.74
CA GLN A 254 -7.99 -15.19 14.11
C GLN A 254 -8.46 -14.99 15.56
N SER A 255 -7.58 -14.60 16.47
CA SER A 255 -7.99 -14.48 17.89
C SER A 255 -8.56 -13.12 18.29
N CYS A 256 -8.36 -12.11 17.46
CA CYS A 256 -8.90 -10.80 17.80
C CYS A 256 -9.24 -10.02 16.55
N GLU A 257 -10.39 -9.35 16.59
CA GLU A 257 -10.86 -8.64 15.43
C GLU A 257 -10.04 -7.38 15.20
N ALA A 258 -9.25 -6.99 16.20
CA ALA A 258 -8.48 -5.77 16.09
C ALA A 258 -7.13 -5.90 16.83
N PHE A 259 -6.33 -6.91 16.46
CA PHE A 259 -5.16 -7.23 17.29
C PHE A 259 -4.12 -6.11 17.31
N LEU A 260 -4.13 -5.23 16.30
CA LEU A 260 -3.20 -4.09 16.32
C LEU A 260 -3.42 -3.17 17.52
N ARG A 261 -4.63 -3.21 18.10
CA ARG A 261 -4.91 -2.43 19.31
C ARG A 261 -4.17 -2.94 20.54
N HIS A 262 -3.61 -4.14 20.45
CA HIS A 262 -2.76 -4.63 21.54
C HIS A 262 -1.44 -3.83 21.62
N LYS A 263 -1.15 -3.03 20.59
CA LYS A 263 0.10 -2.25 20.48
C LYS A 263 1.36 -3.11 20.62
N MET A 264 1.37 -4.30 20.02
CA MET A 264 2.53 -5.17 20.08
C MET A 264 3.15 -5.39 18.72
N THR A 265 2.57 -4.77 17.69
CA THR A 265 2.99 -5.12 16.33
C THR A 265 3.79 -4.03 15.66
N LEU A 266 5.04 -4.35 15.36
CA LEU A 266 5.99 -3.43 14.74
C LEU A 266 6.26 -3.84 13.31
N ILE A 267 6.22 -2.87 12.40
CA ILE A 267 6.39 -3.16 10.97
C ILE A 267 7.27 -2.08 10.34
N SER A 268 8.42 -2.46 9.82
CA SER A 268 9.38 -1.50 9.30
C SER A 268 8.93 -0.76 8.01
N PRO A 269 9.47 0.44 7.77
CA PRO A 269 9.13 1.20 6.57
C PRO A 269 9.48 0.45 5.27
N LEU A 270 10.58 -0.28 5.24
CA LEU A 270 10.91 -1.10 4.07
C LEU A 270 9.82 -2.13 3.79
N MET A 271 9.29 -2.74 4.84
CA MET A 271 8.20 -3.69 4.65
C MET A 271 6.96 -3.04 4.08
N LEU A 272 6.58 -1.87 4.61
CA LEU A 272 5.41 -1.17 4.09
C LEU A 272 5.66 -0.86 2.63
N LYS A 273 6.86 -0.35 2.37
CA LYS A 273 7.25 0.05 1.03
C LYS A 273 7.09 -1.15 0.10
N LYS A 274 7.63 -2.28 0.54
CA LYS A 274 7.59 -3.53 -0.19
C LYS A 274 6.16 -4.01 -0.56
N TYR A 275 5.18 -3.71 0.28
CA TYR A 275 3.82 -4.13 -0.01
C TYR A 275 2.89 -2.97 -0.40
N GLY A 276 3.48 -1.84 -0.81
CA GLY A 276 2.70 -0.75 -1.36
C GLY A 276 1.74 -0.07 -0.39
N ILE A 277 2.05 -0.10 0.90
CA ILE A 277 1.28 0.67 1.85
C ILE A 277 1.84 2.09 1.90
N PRO A 278 1.04 3.07 1.51
CA PRO A 278 1.51 4.46 1.58
C PRO A 278 1.73 4.89 3.03
N PHE A 279 2.77 5.67 3.28
CA PHE A 279 3.04 6.18 4.61
C PHE A 279 3.98 7.36 4.53
N ASP A 280 4.11 8.09 5.63
CA ASP A 280 5.03 9.21 5.69
C ASP A 280 5.81 9.15 7.01
N LYS A 281 6.94 9.86 7.08
CA LYS A 281 7.78 9.90 8.27
C LYS A 281 7.86 11.31 8.78
N VAL A 282 8.06 11.47 10.07
CA VAL A 282 8.33 12.79 10.61
C VAL A 282 9.03 12.56 11.93
N THR A 283 9.91 13.49 12.26
CA THR A 283 10.64 13.48 13.52
C THR A 283 10.23 14.65 14.41
N GLN A 284 9.89 14.36 15.66
CA GLN A 284 9.36 15.36 16.57
C GLN A 284 10.43 15.89 17.53
N GLU A 285 10.60 17.21 17.58
CA GLU A 285 11.65 17.78 18.43
C GLU A 285 11.03 18.22 19.74
N ALA A 286 11.84 18.27 20.81
CA ALA A 286 11.40 18.81 22.09
C ALA A 286 10.75 20.18 21.91
N GLY A 287 9.60 20.39 22.54
CA GLY A 287 8.86 21.62 22.33
C GLY A 287 7.89 21.55 21.17
N GLU A 288 7.73 20.39 20.54
CA GLU A 288 6.78 20.28 19.44
C GLU A 288 5.56 19.39 19.77
N PHE A 289 4.42 19.73 19.16
CA PHE A 289 3.20 18.94 19.26
C PHE A 289 3.06 18.06 18.06
N MET A 290 2.52 16.86 18.27
CA MET A 290 2.02 16.04 17.17
C MET A 290 0.52 15.82 17.41
N ILE A 291 -0.26 15.83 16.35
CA ILE A 291 -1.68 15.50 16.42
C ILE A 291 -1.86 14.24 15.58
N THR A 292 -2.49 13.20 16.13
CA THR A 292 -2.87 12.08 15.26
C THR A 292 -4.37 12.18 15.07
N PHE A 293 -4.85 11.72 13.93
CA PHE A 293 -6.22 11.92 13.50
C PHE A 293 -6.98 10.61 13.51
N PRO A 294 -8.33 10.68 13.58
CA PRO A 294 -9.14 9.47 13.64
C PRO A 294 -8.78 8.46 12.56
N TYR A 295 -8.60 7.20 12.97
CA TYR A 295 -8.20 6.11 12.11
C TYR A 295 -6.84 6.36 11.44
N GLY A 296 -6.01 7.17 12.05
CA GLY A 296 -4.63 7.32 11.59
C GLY A 296 -3.68 6.32 12.25
N TYR A 297 -3.27 5.29 11.52
CA TYR A 297 -2.29 4.36 12.07
C TYR A 297 -0.94 5.06 12.19
N HIS A 298 -0.27 4.85 13.31
CA HIS A 298 1.04 5.44 13.54
C HIS A 298 1.88 4.56 14.44
N ALA A 299 3.18 4.79 14.40
CA ALA A 299 4.16 4.04 15.17
C ALA A 299 5.45 4.85 15.18
N GLY A 300 6.39 4.49 16.03
CA GLY A 300 7.68 5.15 16.02
C GLY A 300 8.56 4.75 17.18
N PHE A 301 9.57 5.58 17.44
CA PHE A 301 10.54 5.30 18.49
C PHE A 301 11.19 6.56 19.00
N ASN A 302 11.73 6.48 20.21
CA ASN A 302 12.45 7.61 20.79
C ASN A 302 13.96 7.50 20.52
N HIS A 303 14.61 8.66 20.32
CA HIS A 303 16.03 8.73 20.00
C HIS A 303 16.92 8.56 21.19
N GLY A 304 16.45 8.95 22.36
CA GLY A 304 17.25 8.87 23.56
C GLY A 304 16.38 9.27 24.71
N PHE A 305 16.99 9.75 25.78
CA PHE A 305 16.22 10.18 26.95
C PHE A 305 15.31 11.35 26.57
N ASN A 306 14.02 11.20 26.86
CA ASN A 306 13.06 12.27 26.61
C ASN A 306 11.83 12.09 27.47
N CYS A 307 10.90 13.02 27.34
CA CYS A 307 9.67 12.97 28.10
C CYS A 307 8.55 13.52 27.25
N ALA A 308 7.46 12.77 27.17
CA ALA A 308 6.34 13.15 26.33
C ALA A 308 5.06 13.09 27.13
N GLU A 309 4.14 13.99 26.81
CA GLU A 309 2.82 13.97 27.45
C GLU A 309 1.73 13.81 26.40
N SER A 310 0.75 12.97 26.69
CA SER A 310 -0.32 12.73 25.71
C SER A 310 -1.69 12.38 26.31
N THR A 311 -2.72 12.67 25.52
CA THR A 311 -4.08 12.27 25.84
C THR A 311 -4.89 12.18 24.54
N ASN A 312 -6.12 11.70 24.62
CA ASN A 312 -6.99 11.73 23.43
C ASN A 312 -7.92 12.94 23.48
N PHE A 313 -8.55 13.23 22.35
CA PHE A 313 -9.57 14.26 22.29
C PHE A 313 -10.46 14.01 21.07
N ALA A 314 -11.54 14.77 20.99
CA ALA A 314 -12.50 14.56 19.92
C ALA A 314 -12.91 15.87 19.23
N THR A 315 -13.50 15.73 18.06
CA THR A 315 -14.23 16.78 17.35
C THR A 315 -15.50 16.13 16.89
N ARG A 316 -16.42 16.90 16.34
CA ARG A 316 -17.69 16.35 15.87
C ARG A 316 -17.47 15.29 14.82
N ARG A 317 -16.45 15.50 13.99
CA ARG A 317 -16.14 14.54 12.93
C ARG A 317 -15.79 13.16 13.48
N TRP A 318 -15.21 13.13 14.68
CA TRP A 318 -14.77 11.87 15.25
C TRP A 318 -15.95 10.94 15.47
N ILE A 319 -17.11 11.51 15.80
CA ILE A 319 -18.26 10.73 16.26
C ILE A 319 -18.56 9.54 15.37
N GLU A 320 -18.58 9.75 14.07
CA GLU A 320 -18.86 8.66 13.14
C GLU A 320 -17.77 7.59 13.20
N TYR A 321 -16.53 8.02 13.40
CA TYR A 321 -15.45 7.08 13.58
C TYR A 321 -15.70 6.25 14.84
N GLY A 322 -16.08 6.95 15.92
CA GLY A 322 -16.39 6.28 17.17
C GLY A 322 -17.47 5.23 17.03
N LYS A 323 -18.51 5.56 16.26
CA LYS A 323 -19.64 4.66 16.04
C LYS A 323 -19.20 3.40 15.32
N GLN A 324 -18.23 3.57 14.43
CA GLN A 324 -17.85 2.49 13.54
C GLN A 324 -16.55 1.82 13.92
N ALA A 325 -15.94 2.27 15.03
CA ALA A 325 -14.66 1.72 15.46
C ALA A 325 -14.70 0.22 15.66
N VAL A 326 -13.78 -0.51 15.05
CA VAL A 326 -13.70 -1.96 15.33
C VAL A 326 -12.79 -2.20 16.53
N LEU A 327 -13.34 -2.82 17.57
CA LEU A 327 -12.64 -2.88 18.84
C LEU A 327 -12.06 -4.26 19.13
N CYS A 328 -11.08 -4.28 20.03
CA CYS A 328 -10.47 -5.53 20.48
C CYS A 328 -11.53 -6.46 21.04
N SER A 329 -11.60 -7.69 20.51
CA SER A 329 -12.61 -8.66 20.91
C SER A 329 -12.11 -9.71 21.93
N CYS A 330 -10.84 -9.63 22.31
CA CYS A 330 -10.24 -10.71 23.10
C CYS A 330 -9.94 -10.25 24.50
N ARG A 331 -10.38 -9.04 24.82
CA ARG A 331 -10.33 -8.48 26.17
C ARG A 331 -8.96 -7.96 26.61
N LYS A 332 -7.92 -8.06 25.76
CA LYS A 332 -6.61 -7.44 26.05
C LYS A 332 -6.69 -5.88 26.09
N ASP A 333 -7.53 -5.32 25.21
CA ASP A 333 -7.83 -3.88 25.20
C ASP A 333 -9.29 -3.79 25.65
N MET A 334 -9.52 -3.11 26.76
CA MET A 334 -10.86 -3.07 27.31
C MET A 334 -11.49 -1.68 27.15
N VAL A 335 -10.75 -0.72 26.59
CA VAL A 335 -11.27 0.64 26.51
C VAL A 335 -12.47 0.72 25.57
N LYS A 336 -13.62 1.06 26.13
CA LYS A 336 -14.84 1.20 25.34
C LYS A 336 -15.64 2.40 25.78
N ILE A 337 -15.90 3.30 24.86
CA ILE A 337 -16.68 4.48 25.18
C ILE A 337 -18.05 4.29 24.55
N SER A 338 -19.09 4.52 25.36
CA SER A 338 -20.50 4.48 24.92
C SER A 338 -20.81 5.65 24.00
N MET A 339 -21.22 5.38 22.76
CA MET A 339 -21.39 6.46 21.78
C MET A 339 -22.74 7.18 21.93
N ASP A 340 -23.61 6.60 22.75
CA ASP A 340 -25.00 7.01 22.87
C ASP A 340 -25.16 8.54 23.10
N VAL A 341 -24.46 9.06 24.10
CA VAL A 341 -24.54 10.49 24.37
C VAL A 341 -24.17 11.34 23.15
N PHE A 342 -23.22 10.87 22.34
CA PHE A 342 -22.74 11.70 21.24
C PHE A 342 -23.75 11.73 20.12
N VAL A 343 -24.34 10.59 19.81
CA VAL A 343 -25.32 10.48 18.73
C VAL A 343 -26.59 11.26 19.11
N ARG A 344 -27.01 11.15 20.35
CA ARG A 344 -28.18 11.87 20.81
C ARG A 344 -27.98 13.37 20.67
N LYS A 345 -26.81 13.85 21.06
CA LYS A 345 -26.60 15.29 21.12
C LYS A 345 -26.21 15.90 19.77
N PHE A 346 -25.51 15.14 18.93
CA PHE A 346 -25.00 15.69 17.67
C PHE A 346 -25.59 15.04 16.43
N GLN A 347 -26.19 13.86 16.59
CA GLN A 347 -26.89 13.26 15.45
C GLN A 347 -28.34 12.88 15.78
N PRO A 348 -29.12 13.84 16.31
CA PRO A 348 -30.47 13.49 16.80
C PRO A 348 -31.35 12.86 15.74
N GLU A 349 -31.17 13.23 14.48
CA GLU A 349 -32.03 12.69 13.41
C GLU A 349 -31.69 11.24 13.11
N ARG A 350 -30.56 10.76 13.61
CA ARG A 350 -30.11 9.42 13.29
C ARG A 350 -30.13 8.48 14.49
N TYR A 351 -30.44 9.01 15.68
CA TYR A 351 -30.42 8.20 16.90
C TYR A 351 -31.30 6.96 16.79
N LYS A 352 -32.56 7.15 16.42
CA LYS A 352 -33.51 6.05 16.26
C LYS A 352 -32.96 5.06 15.26
N LEU A 353 -32.50 5.58 14.12
CA LEU A 353 -31.94 4.73 13.08
C LEU A 353 -30.72 3.99 13.60
N TRP A 354 -29.80 4.74 14.22
CA TRP A 354 -28.57 4.15 14.75
C TRP A 354 -28.84 3.09 15.81
N LYS A 355 -29.68 3.44 16.80
CA LYS A 355 -30.03 2.55 17.91
C LYS A 355 -30.67 1.26 17.41
N ALA A 356 -31.24 1.31 16.21
CA ALA A 356 -31.88 0.15 15.62
C ALA A 356 -30.97 -0.54 14.60
N GLY A 357 -29.68 -0.20 14.64
CA GLY A 357 -28.68 -0.79 13.75
C GLY A 357 -28.86 -0.58 12.25
N LYS A 358 -29.67 0.39 11.85
CA LYS A 358 -29.92 0.62 10.43
C LYS A 358 -29.16 1.84 9.92
N ASP A 359 -28.24 2.37 10.73
CA ASP A 359 -27.44 3.53 10.30
C ASP A 359 -26.24 3.10 9.46
N ASN A 360 -26.38 3.19 8.14
CA ASN A 360 -25.28 2.84 7.26
C ASN A 360 -24.58 4.07 6.66
N THR A 361 -24.32 5.06 7.50
CA THR A 361 -23.46 6.17 7.09
C THR A 361 -22.09 5.63 6.68
N VAL A 362 -21.56 6.14 5.59
CA VAL A 362 -20.22 5.75 5.15
C VAL A 362 -19.29 6.92 5.45
N ILE A 363 -18.10 6.63 5.99
CA ILE A 363 -17.16 7.70 6.32
C ILE A 363 -16.25 8.13 5.15
N ASP A 364 -16.18 9.44 4.91
CA ASP A 364 -15.23 10.03 3.96
C ASP A 364 -14.03 10.58 4.70
N HIS A 365 -12.89 9.90 4.59
CA HIS A 365 -11.71 10.26 5.36
C HIS A 365 -11.11 11.59 4.93
N THR A 366 -11.55 12.13 3.79
CA THR A 366 -10.96 13.37 3.29
C THR A 366 -11.69 14.62 3.83
N LEU A 367 -12.94 14.47 4.25
CA LEU A 367 -13.72 15.60 4.76
C LEU A 367 -13.16 16.13 6.08
N PRO A 368 -13.14 17.47 6.26
CA PRO A 368 -12.80 18.11 7.53
C PRO A 368 -13.97 18.09 8.51
N THR A 369 -13.67 18.30 9.81
CA THR A 369 -14.71 18.40 10.82
C THR A 369 -15.58 19.63 10.58
N PRO A 370 -16.89 19.51 10.81
CA PRO A 370 -17.89 20.58 10.60
C PRO A 370 -17.53 21.93 11.25
N GLU A 371 -16.85 21.90 12.41
CA GLU A 371 -16.48 23.14 13.12
C GLU A 371 -15.57 24.06 12.29
N ALA A 372 -15.06 23.53 11.19
CA ALA A 372 -14.18 24.27 10.30
C ALA A 372 -14.98 25.01 9.22
N ALA A 373 -16.30 25.08 9.41
CA ALA A 373 -17.17 25.79 8.46
C ALA A 373 -16.80 27.25 8.51
N GLU A 374 -16.38 27.68 9.70
CA GLU A 374 -15.92 29.04 9.96
C GLU A 374 -14.77 29.40 9.02
N PHE A 375 -13.97 28.40 8.64
CA PHE A 375 -12.86 28.60 7.71
C PHE A 375 -13.25 28.13 6.31
N THR B 29 8.08 -19.77 2.03
CA THR B 29 8.45 -18.98 3.21
C THR B 29 8.50 -17.48 2.90
N LEU B 30 9.11 -17.12 1.77
CA LEU B 30 9.27 -15.70 1.43
C LEU B 30 8.00 -15.24 0.73
N ASN B 31 7.33 -14.26 1.33
CA ASN B 31 5.95 -13.87 0.98
C ASN B 31 4.93 -15.01 0.86
N PRO B 32 4.59 -15.65 2.01
CA PRO B 32 3.68 -16.81 2.04
C PRO B 32 2.20 -16.43 1.84
N SER B 33 1.88 -15.14 1.86
N SER B 33 1.95 -15.13 1.87
CA SER B 33 0.52 -14.76 1.53
CA SER B 33 0.64 -14.56 1.59
C SER B 33 0.46 -14.44 0.04
C SER B 33 0.49 -14.39 0.06
N ALA B 34 1.60 -14.58 -0.64
CA ALA B 34 1.71 -14.38 -2.10
C ALA B 34 1.10 -13.07 -2.59
N ARG B 35 1.42 -11.98 -1.89
CA ARG B 35 0.85 -10.68 -2.20
C ARG B 35 1.76 -9.91 -3.17
N ILE B 36 1.16 -9.06 -3.99
CA ILE B 36 1.89 -8.31 -4.98
C ILE B 36 2.89 -7.40 -4.30
N MET B 37 4.16 -7.60 -4.62
CA MET B 37 5.24 -6.81 -4.03
C MET B 37 5.72 -5.68 -4.96
N THR B 38 6.24 -4.62 -4.33
CA THR B 38 6.76 -3.45 -5.01
C THR B 38 8.24 -3.29 -4.69
N PHE B 39 9.04 -2.96 -5.70
CA PHE B 39 10.48 -2.84 -5.51
C PHE B 39 11.01 -1.51 -5.99
N TYR B 40 12.03 -1.00 -5.30
CA TYR B 40 12.59 0.31 -5.64
C TYR B 40 14.09 0.19 -5.90
N PRO B 41 14.50 -0.30 -7.08
CA PRO B 41 15.93 -0.49 -7.33
C PRO B 41 16.73 0.82 -7.43
N THR B 42 18.00 0.77 -7.02
CA THR B 42 18.93 1.87 -7.26
C THR B 42 19.30 1.86 -8.73
N MET B 43 20.06 2.86 -9.17
CA MET B 43 20.50 2.88 -10.55
C MET B 43 21.44 1.71 -10.86
N GLU B 44 22.32 1.38 -9.91
CA GLU B 44 23.28 0.31 -10.14
C GLU B 44 22.54 -1.03 -10.26
N GLU B 45 21.47 -1.21 -9.51
CA GLU B 45 20.70 -2.44 -9.61
C GLU B 45 19.86 -2.45 -10.87
N PHE B 46 19.38 -1.27 -11.26
CA PHE B 46 18.49 -1.13 -12.39
C PHE B 46 19.17 -1.45 -13.73
N ARG B 47 20.49 -1.33 -13.75
CA ARG B 47 21.27 -1.42 -14.99
C ARG B 47 21.25 -2.81 -15.59
N ASN B 48 21.35 -3.83 -14.76
CA ASN B 48 21.34 -5.20 -15.27
C ASN B 48 19.93 -5.79 -15.10
N PHE B 49 19.21 -5.90 -16.23
CA PHE B 49 17.80 -6.28 -16.20
C PHE B 49 17.56 -7.68 -15.66
N SER B 50 18.18 -8.67 -16.28
CA SER B 50 17.97 -10.05 -15.88
C SER B 50 18.38 -10.31 -14.43
N ARG B 51 19.39 -9.57 -13.98
CA ARG B 51 19.89 -9.67 -12.62
C ARG B 51 18.79 -9.23 -11.65
N TYR B 52 18.18 -8.07 -11.92
CA TYR B 52 17.18 -7.56 -11.00
C TYR B 52 15.91 -8.41 -10.97
N ILE B 53 15.54 -8.98 -12.11
CA ILE B 53 14.43 -9.93 -12.11
C ILE B 53 14.83 -11.12 -11.23
N ALA B 54 16.07 -11.57 -11.35
CA ALA B 54 16.53 -12.68 -10.51
C ALA B 54 16.42 -12.33 -9.03
N TYR B 55 16.76 -11.08 -8.70
CA TYR B 55 16.69 -10.61 -7.33
C TYR B 55 15.28 -10.58 -6.74
N ILE B 56 14.36 -9.94 -7.45
CA ILE B 56 13.00 -9.82 -6.92
C ILE B 56 12.36 -11.19 -6.82
N GLU B 57 12.75 -12.13 -7.69
CA GLU B 57 12.25 -13.48 -7.50
C GLU B 57 12.85 -14.09 -6.22
N SER B 58 14.10 -13.73 -5.88
CA SER B 58 14.72 -14.25 -4.68
C SER B 58 14.01 -13.65 -3.45
N GLN B 59 13.31 -12.54 -3.65
CA GLN B 59 12.47 -11.97 -2.60
C GLN B 59 11.04 -12.52 -2.64
N GLY B 60 10.78 -13.47 -3.53
CA GLY B 60 9.47 -14.08 -3.65
C GLY B 60 8.44 -13.38 -4.52
N ALA B 61 8.86 -12.36 -5.26
CA ALA B 61 7.94 -11.54 -6.05
C ALA B 61 7.09 -12.35 -7.03
N HIS B 62 7.63 -13.45 -7.53
CA HIS B 62 6.96 -14.25 -8.55
C HIS B 62 5.75 -14.99 -8.04
N ARG B 63 5.69 -15.20 -6.72
CA ARG B 63 4.63 -16.02 -6.16
C ARG B 63 3.26 -15.41 -6.39
N ALA B 64 3.21 -14.08 -6.44
CA ALA B 64 1.94 -13.39 -6.67
C ALA B 64 1.54 -13.40 -8.15
N GLY B 65 2.51 -13.71 -9.01
CA GLY B 65 2.32 -13.70 -10.45
C GLY B 65 2.51 -12.32 -11.06
N LEU B 66 2.67 -11.31 -10.21
CA LEU B 66 2.71 -9.92 -10.65
C LEU B 66 3.49 -9.09 -9.66
N ALA B 67 4.35 -8.20 -10.16
CA ALA B 67 5.12 -7.34 -9.28
C ALA B 67 5.28 -5.95 -9.88
N LYS B 68 5.37 -4.93 -9.04
CA LYS B 68 5.64 -3.59 -9.50
C LYS B 68 7.09 -3.20 -9.22
N VAL B 69 7.70 -2.52 -10.18
CA VAL B 69 9.05 -1.99 -10.07
C VAL B 69 9.06 -0.50 -10.39
N VAL B 70 9.42 0.32 -9.40
CA VAL B 70 9.49 1.77 -9.57
C VAL B 70 10.94 2.15 -9.91
N PRO B 71 11.15 2.76 -11.08
CA PRO B 71 12.53 3.08 -11.48
C PRO B 71 13.11 4.24 -10.69
N PRO B 72 14.44 4.29 -10.57
CA PRO B 72 15.11 5.43 -9.92
C PRO B 72 14.65 6.76 -10.53
N LYS B 73 14.50 7.79 -9.69
CA LYS B 73 13.93 9.07 -10.13
C LYS B 73 14.78 9.71 -11.20
N GLU B 74 16.07 9.40 -11.18
CA GLU B 74 17.01 9.80 -12.21
C GLU B 74 16.51 9.39 -13.58
N TRP B 75 16.15 8.11 -13.68
CA TRP B 75 15.88 7.45 -14.96
C TRP B 75 14.60 7.92 -15.65
N LYS B 76 14.67 8.08 -16.97
CA LYS B 76 13.49 8.33 -17.81
C LYS B 76 13.78 7.76 -19.21
N PRO B 77 12.77 7.13 -19.83
CA PRO B 77 13.02 6.40 -21.08
C PRO B 77 13.00 7.31 -22.30
N ARG B 78 12.48 8.51 -22.10
CA ARG B 78 12.28 9.46 -23.18
C ARG B 78 12.22 10.87 -22.61
N ALA B 79 12.78 11.83 -23.35
CA ALA B 79 12.86 13.20 -22.86
C ALA B 79 11.50 13.89 -22.84
N SER B 80 10.64 13.62 -23.84
CA SER B 80 9.32 14.26 -23.90
C SER B 80 8.34 13.49 -24.77
N TYR B 81 7.08 13.38 -24.33
CA TYR B 81 6.07 12.68 -25.11
C TYR B 81 5.12 13.63 -25.83
N ASP B 82 5.66 14.65 -26.48
CA ASP B 82 4.79 15.58 -27.20
C ASP B 82 5.01 15.55 -28.70
N ASP B 83 6.10 14.93 -29.15
CA ASP B 83 6.41 14.84 -30.57
C ASP B 83 5.61 13.74 -31.28
N ILE B 84 4.72 13.07 -30.56
CA ILE B 84 4.11 11.83 -31.05
C ILE B 84 2.64 11.92 -31.40
N ASP B 85 2.06 13.11 -31.46
CA ASP B 85 0.63 13.22 -31.82
C ASP B 85 0.30 12.72 -33.23
N ASP B 86 1.32 12.49 -34.06
CA ASP B 86 1.16 12.01 -35.43
C ASP B 86 1.37 10.51 -35.52
N LEU B 87 1.61 9.86 -34.38
CA LEU B 87 1.73 8.41 -34.34
C LEU B 87 0.40 7.82 -34.77
N VAL B 88 0.46 6.84 -35.68
CA VAL B 88 -0.75 6.21 -36.17
C VAL B 88 -1.13 5.02 -35.34
N ILE B 89 -2.39 4.93 -34.93
CA ILE B 89 -2.91 3.68 -34.36
C ILE B 89 -3.68 2.94 -35.45
N PRO B 90 -3.03 1.96 -36.09
CA PRO B 90 -3.58 1.30 -37.28
C PRO B 90 -4.91 0.57 -37.03
N ALA B 91 -5.03 -0.08 -35.88
CA ALA B 91 -6.18 -0.96 -35.65
C ALA B 91 -6.82 -0.76 -34.27
N PRO B 92 -7.48 0.38 -34.07
CA PRO B 92 -8.24 0.61 -32.85
C PRO B 92 -9.28 -0.45 -32.66
N ILE B 93 -9.56 -0.75 -31.40
CA ILE B 93 -10.47 -1.83 -31.04
C ILE B 93 -11.60 -1.25 -30.20
N GLN B 94 -12.84 -1.39 -30.65
CA GLN B 94 -13.94 -1.05 -29.78
C GLN B 94 -14.28 -2.28 -28.94
N GLN B 95 -14.32 -2.11 -27.61
CA GLN B 95 -14.51 -3.25 -26.70
C GLN B 95 -15.97 -3.38 -26.30
N LEU B 96 -16.67 -4.27 -26.97
CA LEU B 96 -18.02 -4.64 -26.57
C LEU B 96 -18.00 -5.81 -25.60
N VAL B 97 -18.81 -5.67 -24.55
CA VAL B 97 -18.83 -6.59 -23.44
C VAL B 97 -20.23 -7.03 -23.16
N THR B 98 -20.48 -8.34 -23.19
CA THR B 98 -21.79 -8.87 -22.83
C THR B 98 -21.63 -9.75 -21.60
N GLY B 99 -22.57 -9.68 -20.66
CA GLY B 99 -22.55 -10.57 -19.51
C GLY B 99 -23.30 -10.08 -18.28
N GLN B 100 -23.20 -10.84 -17.19
CA GLN B 100 -23.93 -10.53 -15.96
C GLN B 100 -23.33 -11.26 -14.76
N SER B 101 -23.64 -10.81 -13.56
CA SER B 101 -23.25 -11.50 -12.33
C SER B 101 -21.75 -11.74 -12.27
N GLY B 102 -20.98 -10.73 -12.68
CA GLY B 102 -19.55 -10.78 -12.63
C GLY B 102 -18.87 -11.59 -13.71
N LEU B 103 -19.62 -12.19 -14.62
CA LEU B 103 -19.03 -12.99 -15.69
C LEU B 103 -19.33 -12.35 -17.02
N PHE B 104 -18.30 -12.13 -17.83
CA PHE B 104 -18.44 -11.36 -19.06
C PHE B 104 -17.58 -11.90 -20.19
N THR B 105 -18.06 -11.71 -21.40
CA THR B 105 -17.30 -11.98 -22.60
C THR B 105 -17.14 -10.69 -23.41
N GLN B 106 -15.91 -10.40 -23.76
CA GLN B 106 -15.58 -9.20 -24.48
C GLN B 106 -15.34 -9.45 -25.98
N TYR B 107 -16.06 -8.72 -26.83
CA TYR B 107 -15.89 -8.81 -28.28
C TYR B 107 -15.16 -7.59 -28.84
N ASN B 108 -14.18 -7.83 -29.70
CA ASN B 108 -13.44 -6.77 -30.35
C ASN B 108 -14.06 -6.39 -31.68
N ILE B 109 -14.24 -5.10 -31.89
CA ILE B 109 -14.64 -4.58 -33.19
C ILE B 109 -13.54 -3.66 -33.67
N GLN B 110 -12.91 -3.98 -34.80
CA GLN B 110 -11.82 -3.14 -35.27
C GLN B 110 -12.40 -1.91 -35.94
N LYS B 111 -11.85 -0.75 -35.58
CA LYS B 111 -12.27 0.51 -36.16
C LYS B 111 -11.19 1.03 -37.09
N LYS B 112 -11.50 2.06 -37.88
CA LYS B 112 -10.51 2.58 -38.81
C LYS B 112 -9.35 3.22 -38.06
N ALA B 113 -8.21 3.27 -38.73
CA ALA B 113 -7.02 3.89 -38.17
C ALA B 113 -7.30 5.29 -37.66
N MET B 114 -6.41 5.76 -36.80
CA MET B 114 -6.54 7.10 -36.24
C MET B 114 -5.19 7.45 -35.62
N THR B 115 -4.94 8.75 -35.45
CA THR B 115 -3.69 9.18 -34.86
C THR B 115 -3.87 9.27 -33.34
N VAL B 116 -2.74 9.34 -32.63
CA VAL B 116 -2.79 9.50 -31.18
C VAL B 116 -3.58 10.75 -30.83
N ARG B 117 -3.35 11.79 -31.61
CA ARG B 117 -4.00 13.08 -31.37
C ARG B 117 -5.50 12.87 -31.45
N GLU B 118 -5.93 12.15 -32.48
CA GLU B 118 -7.34 11.81 -32.66
C GLU B 118 -7.86 10.98 -31.51
N PHE B 119 -7.08 9.98 -31.12
CA PHE B 119 -7.48 9.08 -30.04
C PHE B 119 -7.59 9.85 -28.73
N ARG B 120 -6.57 10.66 -28.41
N ARG B 120 -6.54 10.62 -28.40
CA ARG B 120 -6.54 11.43 -27.16
CA ARG B 120 -6.50 11.48 -27.22
C ARG B 120 -7.78 12.30 -26.99
C ARG B 120 -7.77 12.27 -27.01
N LYS B 121 -8.22 12.94 -28.07
CA LYS B 121 -9.41 13.77 -28.00
C LYS B 121 -10.65 12.95 -27.67
N ILE B 122 -10.84 11.82 -28.37
CA ILE B 122 -11.96 10.93 -28.05
C ILE B 122 -11.88 10.43 -26.59
N ALA B 123 -10.66 10.11 -26.15
CA ALA B 123 -10.43 9.59 -24.80
C ALA B 123 -10.81 10.64 -23.76
N ASN B 124 -10.43 11.89 -24.02
CA ASN B 124 -10.64 12.94 -23.02
C ASN B 124 -11.99 13.60 -23.17
N SER B 125 -12.71 13.26 -24.24
CA SER B 125 -14.06 13.78 -24.48
C SER B 125 -15.00 13.42 -23.33
N ASP B 126 -16.14 14.09 -23.24
CA ASP B 126 -17.04 13.88 -22.09
C ASP B 126 -17.76 12.55 -22.10
N LYS B 127 -18.01 12.03 -23.30
CA LYS B 127 -18.65 10.74 -23.46
C LYS B 127 -17.77 9.61 -22.91
N TYR B 128 -16.46 9.77 -23.04
CA TYR B 128 -15.51 8.70 -22.79
C TYR B 128 -14.52 8.93 -21.66
N CYS B 129 -14.58 10.06 -20.99
CA CYS B 129 -13.56 10.33 -19.99
C CYS B 129 -13.91 9.68 -18.65
N THR B 130 -12.93 9.63 -17.77
CA THR B 130 -13.08 9.09 -16.44
C THR B 130 -14.22 9.81 -15.71
N PRO B 131 -15.08 9.05 -15.03
CA PRO B 131 -16.14 9.61 -14.17
C PRO B 131 -15.52 10.22 -12.91
N ARG B 132 -16.29 11.00 -12.16
CA ARG B 132 -15.78 11.59 -10.93
C ARG B 132 -15.71 10.53 -9.84
N TYR B 133 -14.69 10.63 -8.99
CA TYR B 133 -14.53 9.68 -7.90
C TYR B 133 -13.58 10.18 -6.82
N SER B 134 -13.63 9.53 -5.66
CA SER B 134 -12.72 9.83 -4.56
C SER B 134 -11.56 8.84 -4.50
N GLU B 135 -11.80 7.69 -3.87
CA GLU B 135 -10.78 6.64 -3.73
C GLU B 135 -10.88 5.61 -4.86
N PHE B 136 -9.80 4.87 -5.10
CA PHE B 136 -9.76 3.85 -6.16
C PHE B 136 -10.93 2.89 -6.06
N GLU B 137 -11.27 2.48 -4.84
CA GLU B 137 -12.33 1.50 -4.62
C GLU B 137 -13.63 1.91 -5.29
N GLU B 138 -13.83 3.22 -5.47
CA GLU B 138 -15.06 3.69 -6.08
C GLU B 138 -14.96 3.60 -7.60
N LEU B 139 -13.83 4.02 -8.15
CA LEU B 139 -13.62 3.90 -9.59
C LEU B 139 -13.75 2.43 -10.00
N GLU B 140 -13.23 1.55 -9.16
CA GLU B 140 -13.31 0.12 -9.39
C GLU B 140 -14.77 -0.34 -9.46
N ARG B 141 -15.59 0.19 -8.55
CA ARG B 141 -17.01 -0.15 -8.52
C ARG B 141 -17.69 0.30 -9.80
N LYS B 142 -17.33 1.49 -10.26
CA LYS B 142 -17.91 2.05 -11.48
C LYS B 142 -17.49 1.20 -12.68
N TYR B 143 -16.25 0.70 -12.66
CA TYR B 143 -15.78 -0.14 -13.74
C TYR B 143 -16.65 -1.39 -13.87
N TRP B 144 -16.86 -2.14 -12.79
CA TRP B 144 -17.59 -3.40 -12.87
C TRP B 144 -19.08 -3.21 -13.02
N LYS B 145 -19.54 -1.99 -12.74
CA LYS B 145 -20.96 -1.72 -12.90
C LYS B 145 -21.30 -1.29 -14.35
N ASN B 146 -20.39 -0.58 -15.00
CA ASN B 146 -20.67 0.00 -16.31
C ASN B 146 -19.88 -0.64 -17.44
N LEU B 147 -19.29 -1.78 -17.11
CA LEU B 147 -18.44 -2.56 -18.02
C LEU B 147 -19.08 -2.78 -19.38
N THR B 148 -20.36 -3.10 -19.36
CA THR B 148 -21.07 -3.47 -20.59
C THR B 148 -21.72 -2.30 -21.30
N PHE B 149 -21.61 -1.10 -20.71
CA PHE B 149 -22.22 0.08 -21.29
C PHE B 149 -21.20 0.94 -22.01
N ASN B 150 -21.67 1.70 -23.00
CA ASN B 150 -20.84 2.72 -23.62
C ASN B 150 -19.46 2.22 -24.08
N PRO B 151 -19.43 1.27 -25.00
CA PRO B 151 -18.15 0.61 -25.33
C PRO B 151 -17.00 1.54 -25.71
N PRO B 152 -15.88 1.42 -24.99
CA PRO B 152 -14.74 2.29 -25.22
C PRO B 152 -13.92 1.84 -26.41
N ILE B 153 -12.86 2.59 -26.71
CA ILE B 153 -11.96 2.23 -27.76
C ILE B 153 -10.60 2.09 -27.16
N TYR B 154 -9.89 1.06 -27.59
CA TYR B 154 -8.57 0.74 -27.07
C TYR B 154 -7.57 0.76 -28.20
N GLY B 155 -6.59 1.63 -28.11
CA GLY B 155 -5.57 1.72 -29.13
C GLY B 155 -4.51 0.67 -28.88
N ALA B 156 -4.81 -0.57 -29.23
CA ALA B 156 -4.02 -1.68 -28.72
C ALA B 156 -3.10 -2.30 -29.77
N ASP B 157 -2.10 -3.04 -29.29
CA ASP B 157 -1.24 -3.82 -30.17
C ASP B 157 -0.59 -3.01 -31.30
N VAL B 158 -0.13 -1.80 -30.97
CA VAL B 158 0.63 -0.99 -31.91
C VAL B 158 2.11 -1.31 -31.90
N ASN B 159 2.63 -1.80 -33.01
CA ASN B 159 4.06 -2.06 -33.12
C ASN B 159 4.83 -0.76 -32.98
N GLY B 160 5.81 -0.75 -32.09
CA GLY B 160 6.60 0.42 -31.81
C GLY B 160 7.10 0.52 -30.38
N THR B 161 8.02 1.44 -30.18
CA THR B 161 8.61 1.71 -28.89
C THR B 161 8.54 3.22 -28.70
N LEU B 162 8.52 3.70 -27.46
CA LEU B 162 8.60 5.13 -27.23
C LEU B 162 9.90 5.43 -26.54
N TYR B 163 10.75 4.42 -26.48
CA TYR B 163 12.06 4.60 -25.90
C TYR B 163 12.96 5.37 -26.84
N GLU B 164 13.79 6.23 -26.27
CA GLU B 164 14.83 6.92 -27.01
C GLU B 164 15.90 5.89 -27.32
N LYS B 165 16.43 5.95 -28.55
CA LYS B 165 17.38 4.97 -29.08
C LYS B 165 18.53 4.59 -28.15
N HIS B 166 19.00 5.52 -27.31
CA HIS B 166 20.26 5.26 -26.61
C HIS B 166 20.04 4.83 -25.15
N VAL B 167 18.78 4.79 -24.73
CA VAL B 167 18.43 4.35 -23.39
C VAL B 167 18.74 2.87 -23.23
N ASP B 168 19.72 2.55 -22.40
CA ASP B 168 20.17 1.16 -22.27
C ASP B 168 19.59 0.40 -21.07
N GLU B 169 18.74 1.05 -20.27
CA GLU B 169 18.25 0.39 -19.07
C GLU B 169 16.76 0.09 -19.18
N TRP B 170 16.41 -1.18 -19.00
CA TRP B 170 15.00 -1.60 -19.08
C TRP B 170 14.36 -1.16 -20.39
N ASN B 171 15.10 -1.31 -21.48
CA ASN B 171 14.56 -1.00 -22.79
C ASN B 171 13.78 -2.18 -23.32
N ILE B 172 12.47 -2.00 -23.36
CA ILE B 172 11.52 -3.03 -23.73
C ILE B 172 11.77 -3.54 -25.15
N GLY B 173 12.33 -2.67 -25.98
CA GLY B 173 12.66 -3.01 -27.35
C GLY B 173 13.86 -3.95 -27.46
N ARG B 174 14.72 -3.97 -26.46
CA ARG B 174 15.90 -4.82 -26.51
C ARG B 174 16.41 -5.25 -25.12
N LEU B 175 15.65 -6.08 -24.43
CA LEU B 175 16.00 -6.45 -23.05
C LEU B 175 17.16 -7.44 -22.96
N ARG B 176 17.42 -8.15 -24.05
CA ARG B 176 18.54 -9.10 -24.13
C ARG B 176 18.38 -10.27 -23.15
N THR B 177 17.17 -10.80 -23.04
CA THR B 177 16.96 -12.02 -22.29
C THR B 177 17.11 -13.20 -23.24
N ILE B 178 17.08 -14.41 -22.68
CA ILE B 178 17.24 -15.62 -23.46
C ILE B 178 16.08 -15.83 -24.41
N LEU B 179 15.04 -15.01 -24.33
CA LEU B 179 13.95 -15.11 -25.29
C LEU B 179 14.46 -14.79 -26.70
N ASP B 180 15.52 -13.99 -26.76
CA ASP B 180 16.13 -13.62 -28.05
C ASP B 180 16.61 -14.80 -28.87
N LEU B 181 16.84 -15.95 -28.23
CA LEU B 181 17.18 -17.19 -28.95
C LEU B 181 16.13 -17.57 -29.98
N VAL B 182 14.95 -16.96 -29.90
CA VAL B 182 13.93 -17.19 -30.90
C VAL B 182 14.33 -16.47 -32.17
N GLU B 183 14.69 -15.18 -32.04
CA GLU B 183 15.11 -14.35 -33.16
C GLU B 183 16.55 -14.64 -33.59
N LYS B 184 17.46 -14.68 -32.60
CA LYS B 184 18.91 -14.85 -32.84
C LYS B 184 19.27 -16.19 -33.50
N GLU B 185 18.85 -17.28 -32.89
CA GLU B 185 19.12 -18.62 -33.40
C GLU B 185 18.22 -18.98 -34.59
N SER B 186 16.95 -18.62 -34.53
CA SER B 186 15.95 -19.18 -35.47
C SER B 186 15.38 -18.16 -36.46
N GLY B 187 15.77 -16.89 -36.33
CA GLY B 187 15.35 -15.85 -37.26
C GLY B 187 13.91 -15.38 -37.14
N ILE B 188 13.16 -16.02 -36.26
CA ILE B 188 11.73 -15.76 -36.10
C ILE B 188 11.47 -14.53 -35.21
N THR B 189 10.64 -13.61 -35.70
CA THR B 189 10.20 -12.48 -34.91
C THR B 189 8.69 -12.54 -34.72
N ILE B 190 8.25 -12.41 -33.46
CA ILE B 190 6.83 -12.46 -33.16
C ILE B 190 6.38 -11.13 -32.56
N GLU B 191 5.54 -10.41 -33.29
CA GLU B 191 5.08 -9.07 -32.89
C GLU B 191 4.40 -9.00 -31.52
N GLY B 192 4.87 -8.07 -30.68
CA GLY B 192 4.35 -7.94 -29.32
C GLY B 192 4.96 -8.94 -28.35
N VAL B 193 5.65 -9.94 -28.89
CA VAL B 193 6.20 -11.03 -28.09
C VAL B 193 7.70 -10.87 -27.88
N ASN B 194 8.49 -10.83 -28.96
CA ASN B 194 9.87 -10.38 -28.79
C ASN B 194 10.10 -9.03 -29.43
N THR B 195 9.01 -8.35 -29.76
CA THR B 195 9.08 -6.94 -30.20
C THR B 195 8.09 -6.12 -29.38
N PRO B 196 8.31 -4.81 -29.30
CA PRO B 196 7.43 -4.04 -28.40
C PRO B 196 6.12 -3.67 -29.06
N TYR B 197 5.14 -3.46 -28.20
CA TYR B 197 3.79 -3.01 -28.54
C TYR B 197 3.45 -1.79 -27.72
N LEU B 198 2.55 -0.97 -28.24
CA LEU B 198 2.11 0.19 -27.52
C LEU B 198 0.62 0.05 -27.32
N TYR B 199 0.17 0.48 -26.14
CA TYR B 199 -1.21 0.41 -25.78
C TYR B 199 -1.65 1.80 -25.34
N PHE B 200 -2.49 2.41 -26.17
CA PHE B 200 -3.14 3.67 -25.85
C PHE B 200 -4.51 3.37 -25.29
N GLY B 201 -4.75 3.78 -24.05
CA GLY B 201 -5.98 3.47 -23.39
C GLY B 201 -6.89 4.64 -23.11
N MET B 202 -8.13 4.32 -22.78
CA MET B 202 -9.02 5.29 -22.22
C MET B 202 -9.78 4.64 -21.07
N TRP B 203 -10.65 5.40 -20.43
CA TRP B 203 -11.38 4.93 -19.29
C TRP B 203 -12.14 3.70 -19.67
N LYS B 204 -11.98 2.64 -18.84
CA LYS B 204 -12.78 1.43 -18.93
C LYS B 204 -12.33 0.49 -20.05
N THR B 205 -11.20 0.78 -20.70
CA THR B 205 -10.65 -0.21 -21.59
C THR B 205 -10.01 -1.31 -20.74
N SER B 206 -10.21 -2.55 -21.18
CA SER B 206 -9.92 -3.74 -20.37
C SER B 206 -8.91 -4.67 -21.02
N PHE B 207 -8.17 -5.39 -20.18
CA PHE B 207 -7.50 -6.60 -20.65
C PHE B 207 -8.01 -7.79 -19.82
N ALA B 208 -8.47 -8.80 -20.54
CA ALA B 208 -9.11 -9.97 -19.99
C ALA B 208 -8.12 -10.88 -19.26
N TRP B 209 -8.64 -11.78 -18.45
CA TRP B 209 -7.82 -12.75 -17.73
C TRP B 209 -7.03 -13.60 -18.68
N HIS B 210 -5.72 -13.67 -18.47
CA HIS B 210 -4.87 -14.48 -19.32
C HIS B 210 -3.48 -14.60 -18.72
N THR B 211 -2.74 -15.63 -19.15
CA THR B 211 -1.30 -15.64 -18.99
C THR B 211 -0.64 -15.23 -20.31
N GLU B 212 0.67 -15.01 -20.29
CA GLU B 212 1.37 -14.64 -21.52
C GLU B 212 1.42 -15.82 -22.47
N ASP B 213 1.60 -15.54 -23.76
CA ASP B 213 1.86 -16.59 -24.74
C ASP B 213 3.03 -17.45 -24.29
N MET B 214 2.87 -18.78 -24.40
CA MET B 214 3.87 -19.73 -23.94
C MET B 214 4.17 -19.56 -22.46
N ASP B 215 3.22 -18.96 -21.76
CA ASP B 215 3.37 -18.64 -20.33
C ASP B 215 4.68 -17.91 -20.02
N LEU B 216 5.07 -17.01 -20.91
CA LEU B 216 6.27 -16.20 -20.73
C LEU B 216 6.12 -15.14 -19.62
N TYR B 217 7.19 -14.42 -19.32
CA TYR B 217 7.09 -13.17 -18.55
C TYR B 217 6.58 -12.08 -19.46
N SER B 218 6.02 -11.03 -18.88
CA SER B 218 5.87 -9.78 -19.61
C SER B 218 6.37 -8.64 -18.76
N ILE B 219 6.72 -7.56 -19.45
CA ILE B 219 7.10 -6.30 -18.80
C ILE B 219 6.15 -5.25 -19.36
N ASN B 220 5.61 -4.39 -18.51
CA ASN B 220 4.69 -3.34 -18.96
C ASN B 220 5.14 -2.03 -18.38
N TYR B 221 5.41 -1.04 -19.23
CA TYR B 221 5.79 0.29 -18.74
C TYR B 221 4.72 1.29 -19.08
N LEU B 222 4.23 2.04 -18.10
CA LEU B 222 3.20 3.07 -18.34
C LEU B 222 3.87 4.44 -18.61
N HIS B 223 4.00 4.80 -19.89
CA HIS B 223 4.76 5.99 -20.31
C HIS B 223 4.19 7.29 -19.75
N PHE B 224 2.89 7.48 -19.89
CA PHE B 224 2.24 8.67 -19.40
C PHE B 224 0.77 8.42 -19.20
N GLY B 225 0.10 9.30 -18.46
CA GLY B 225 -1.34 9.29 -18.43
C GLY B 225 -1.93 8.77 -17.14
N GLU B 226 -3.24 8.50 -17.18
CA GLU B 226 -3.99 7.97 -16.06
C GLU B 226 -3.52 6.55 -15.72
N PRO B 227 -3.79 6.10 -14.48
CA PRO B 227 -3.27 4.80 -14.04
C PRO B 227 -3.86 3.58 -14.76
N LYS B 228 -3.20 2.45 -14.62
CA LYS B 228 -3.71 1.17 -15.07
C LYS B 228 -3.84 0.26 -13.84
N SER B 229 -5.03 -0.30 -13.59
CA SER B 229 -5.21 -1.22 -12.46
C SER B 229 -5.16 -2.69 -12.86
N TRP B 230 -4.52 -3.49 -12.00
CA TRP B 230 -4.27 -4.90 -12.31
C TRP B 230 -4.91 -5.82 -11.27
N TYR B 231 -5.39 -6.97 -11.73
CA TYR B 231 -5.71 -8.08 -10.84
C TYR B 231 -4.80 -9.25 -11.18
N SER B 232 -4.46 -10.05 -10.18
CA SER B 232 -3.52 -11.14 -10.40
C SER B 232 -3.84 -12.37 -9.55
N VAL B 233 -3.66 -13.54 -10.15
CA VAL B 233 -3.82 -14.80 -9.45
C VAL B 233 -2.48 -15.50 -9.36
N PRO B 234 -2.08 -15.89 -8.14
CA PRO B 234 -0.84 -16.65 -7.93
C PRO B 234 -0.75 -17.81 -8.88
N PRO B 235 0.41 -17.97 -9.53
CA PRO B 235 0.58 -19.12 -10.41
C PRO B 235 0.25 -20.42 -9.68
N GLU B 236 0.55 -20.52 -8.39
CA GLU B 236 0.23 -21.77 -7.68
C GLU B 236 -1.26 -22.02 -7.53
N HIS B 237 -2.11 -21.03 -7.83
CA HIS B 237 -3.56 -21.27 -7.82
C HIS B 237 -4.20 -21.04 -9.18
N GLY B 238 -3.38 -20.86 -10.20
CA GLY B 238 -3.85 -20.67 -11.55
C GLY B 238 -4.79 -21.73 -12.08
N LYS B 239 -4.53 -23.01 -11.78
CA LYS B 239 -5.36 -24.11 -12.27
C LYS B 239 -6.77 -23.98 -11.71
N ARG B 240 -6.89 -23.36 -10.55
CA ARG B 240 -8.18 -23.20 -9.93
C ARG B 240 -8.99 -22.15 -10.71
N LEU B 241 -8.33 -21.06 -11.11
CA LEU B 241 -9.00 -20.08 -11.96
C LEU B 241 -9.51 -20.71 -13.27
N GLU B 242 -8.71 -21.57 -13.87
CA GLU B 242 -9.08 -22.24 -15.13
C GLU B 242 -10.29 -23.14 -14.96
N ARG B 243 -10.34 -23.89 -13.86
CA ARG B 243 -11.51 -24.74 -13.56
C ARG B 243 -12.77 -23.90 -13.42
N LEU B 244 -12.64 -22.76 -12.76
CA LEU B 244 -13.75 -21.83 -12.64
C LEU B 244 -14.20 -21.37 -14.03
N ALA B 245 -13.26 -20.91 -14.85
CA ALA B 245 -13.62 -20.44 -16.20
C ALA B 245 -14.25 -21.57 -17.05
N LYS B 246 -13.67 -22.77 -16.99
CA LYS B 246 -14.23 -23.93 -17.70
C LYS B 246 -15.66 -24.22 -17.22
N GLY B 247 -15.88 -24.12 -15.92
CA GLY B 247 -17.21 -24.36 -15.38
C GLY B 247 -18.23 -23.35 -15.86
N PHE B 248 -17.84 -22.08 -15.94
CA PHE B 248 -18.76 -21.03 -16.38
C PHE B 248 -18.89 -20.85 -17.88
N PHE B 249 -17.89 -21.24 -18.64
CA PHE B 249 -17.95 -21.13 -20.10
C PHE B 249 -17.73 -22.47 -20.78
N PRO B 250 -18.64 -23.43 -20.55
CA PRO B 250 -18.43 -24.83 -20.95
C PRO B 250 -18.30 -25.03 -22.46
N GLY B 251 -19.12 -24.30 -23.22
CA GLY B 251 -19.09 -24.38 -24.67
C GLY B 251 -17.74 -23.94 -25.19
N SER B 252 -17.21 -22.86 -24.61
CA SER B 252 -15.88 -22.37 -24.96
C SER B 252 -14.78 -23.36 -24.57
N ALA B 253 -14.90 -23.98 -23.39
CA ALA B 253 -13.91 -24.96 -22.96
C ALA B 253 -13.90 -26.13 -23.93
N GLN B 254 -15.08 -26.54 -24.39
CA GLN B 254 -15.19 -27.64 -25.34
C GLN B 254 -14.51 -27.34 -26.69
N SER B 255 -14.49 -26.07 -27.12
CA SER B 255 -13.91 -25.71 -28.43
C SER B 255 -12.43 -25.37 -28.39
N CYS B 256 -11.90 -25.11 -27.21
CA CYS B 256 -10.47 -24.81 -27.13
C CYS B 256 -9.89 -25.23 -25.78
N GLU B 257 -8.68 -25.78 -25.83
CA GLU B 257 -8.03 -26.29 -24.62
C GLU B 257 -7.52 -25.15 -23.74
N ALA B 258 -7.45 -23.96 -24.32
CA ALA B 258 -6.87 -22.82 -23.63
C ALA B 258 -7.57 -21.53 -24.03
N PHE B 259 -8.90 -21.50 -23.89
CA PHE B 259 -9.66 -20.41 -24.48
C PHE B 259 -9.40 -19.06 -23.79
N LEU B 260 -8.92 -19.06 -22.55
CA LEU B 260 -8.60 -17.81 -21.87
C LEU B 260 -7.50 -17.04 -22.62
N ARG B 261 -6.73 -17.76 -23.47
CA ARG B 261 -5.72 -17.11 -24.33
C ARG B 261 -6.39 -16.26 -25.42
N HIS B 262 -7.66 -16.48 -25.65
CA HIS B 262 -8.41 -15.61 -26.56
C HIS B 262 -8.56 -14.19 -25.99
N LYS B 263 -8.24 -14.00 -24.71
CA LYS B 263 -8.33 -12.68 -24.09
C LYS B 263 -9.70 -12.05 -24.21
N MET B 264 -10.74 -12.86 -24.07
CA MET B 264 -12.10 -12.36 -24.11
C MET B 264 -12.89 -12.55 -22.82
N THR B 265 -12.26 -13.10 -21.80
CA THR B 265 -13.02 -13.51 -20.62
C THR B 265 -12.75 -12.60 -19.45
N LEU B 266 -13.80 -11.92 -18.99
CA LEU B 266 -13.70 -10.99 -17.86
C LEU B 266 -14.42 -11.54 -16.64
N ILE B 267 -13.77 -11.47 -15.48
CA ILE B 267 -14.32 -12.07 -14.26
C ILE B 267 -14.05 -11.13 -13.10
N SER B 268 -15.10 -10.66 -12.45
CA SER B 268 -14.96 -9.65 -11.41
C SER B 268 -14.31 -10.19 -10.15
N PRO B 269 -13.69 -9.30 -9.37
CA PRO B 269 -13.08 -9.72 -8.10
C PRO B 269 -14.10 -10.35 -7.16
N LEU B 270 -15.33 -9.86 -7.18
CA LEU B 270 -16.39 -10.45 -6.36
C LEU B 270 -16.64 -11.91 -6.73
N MET B 271 -16.61 -12.25 -8.02
CA MET B 271 -16.76 -13.65 -8.40
C MET B 271 -15.56 -14.46 -7.91
N LEU B 272 -14.35 -13.92 -8.06
CA LEU B 272 -13.16 -14.64 -7.59
C LEU B 272 -13.28 -14.95 -6.09
N LYS B 273 -13.66 -13.94 -5.30
CA LYS B 273 -13.85 -14.12 -3.87
C LYS B 273 -14.86 -15.20 -3.56
N LYS B 274 -16.00 -15.11 -4.22
CA LYS B 274 -17.10 -16.04 -4.02
C LYS B 274 -16.72 -17.50 -4.21
N TYR B 275 -15.83 -17.76 -5.16
CA TYR B 275 -15.47 -19.14 -5.45
C TYR B 275 -14.12 -19.49 -4.87
N GLY B 276 -13.68 -18.67 -3.93
CA GLY B 276 -12.45 -18.94 -3.22
C GLY B 276 -11.17 -18.92 -4.05
N ILE B 277 -11.17 -18.20 -5.18
CA ILE B 277 -9.92 -18.00 -5.91
C ILE B 277 -9.12 -16.85 -5.29
N PRO B 278 -7.96 -17.16 -4.72
CA PRO B 278 -7.12 -16.11 -4.15
C PRO B 278 -6.61 -15.18 -5.25
N PHE B 279 -6.52 -13.90 -4.93
CA PHE B 279 -6.04 -12.93 -5.89
C PHE B 279 -5.60 -11.68 -5.15
N ASP B 280 -4.90 -10.79 -5.84
CA ASP B 280 -4.51 -9.51 -5.26
C ASP B 280 -4.78 -8.37 -6.28
N LYS B 281 -4.86 -7.11 -5.82
CA LYS B 281 -5.05 -5.91 -6.67
C LYS B 281 -3.82 -5.01 -6.56
N VAL B 282 -3.52 -4.27 -7.62
CA VAL B 282 -2.49 -3.23 -7.55
C VAL B 282 -2.76 -2.25 -8.68
N THR B 283 -2.44 -0.98 -8.43
CA THR B 283 -2.64 0.05 -9.44
C THR B 283 -1.29 0.60 -9.89
N GLN B 284 -1.08 0.64 -11.21
CA GLN B 284 0.20 1.04 -11.79
C GLN B 284 0.10 2.50 -12.21
N GLU B 285 1.06 3.31 -11.77
CA GLU B 285 1.07 4.74 -12.09
C GLU B 285 2.06 5.06 -13.19
N ALA B 286 1.85 6.18 -13.87
CA ALA B 286 2.79 6.68 -14.87
C ALA B 286 4.21 6.68 -14.35
N GLY B 287 5.12 6.12 -15.15
CA GLY B 287 6.51 5.99 -14.78
C GLY B 287 6.85 4.69 -14.06
N GLU B 288 5.87 3.78 -13.95
CA GLU B 288 6.12 2.54 -13.23
C GLU B 288 6.08 1.32 -14.14
N PHE B 289 6.86 0.31 -13.76
CA PHE B 289 6.87 -0.98 -14.43
C PHE B 289 6.02 -2.00 -13.70
N MET B 290 5.32 -2.84 -14.45
CA MET B 290 4.75 -4.06 -13.90
C MET B 290 5.41 -5.24 -14.61
N ILE B 291 5.72 -6.28 -13.85
CA ILE B 291 6.26 -7.52 -14.34
C ILE B 291 5.25 -8.62 -14.09
N THR B 292 4.89 -9.40 -15.11
CA THR B 292 4.08 -10.57 -14.88
C THR B 292 4.99 -11.78 -15.00
N PHE B 293 4.67 -12.82 -14.25
CA PHE B 293 5.53 -13.98 -14.13
C PHE B 293 4.87 -15.16 -14.81
N PRO B 294 5.68 -16.17 -15.17
CA PRO B 294 5.13 -17.33 -15.89
C PRO B 294 3.90 -17.93 -15.22
N TYR B 295 2.87 -18.18 -16.01
CA TYR B 295 1.62 -18.76 -15.54
C TYR B 295 0.97 -17.91 -14.44
N GLY B 296 1.26 -16.61 -14.42
CA GLY B 296 0.55 -15.68 -13.58
C GLY B 296 -0.63 -15.10 -14.34
N TYR B 297 -1.84 -15.49 -13.98
CA TYR B 297 -3.03 -14.94 -14.59
C TYR B 297 -3.21 -13.51 -14.13
N HIS B 298 -3.58 -12.65 -15.07
CA HIS B 298 -3.78 -11.26 -14.71
C HIS B 298 -4.83 -10.63 -15.60
N ALA B 299 -5.34 -9.49 -15.14
CA ALA B 299 -6.38 -8.75 -15.83
C ALA B 299 -6.44 -7.32 -15.26
N GLY B 300 -7.14 -6.43 -15.95
CA GLY B 300 -7.32 -5.10 -15.40
C GLY B 300 -7.94 -4.10 -16.34
N PHE B 301 -7.79 -2.82 -16.00
CA PHE B 301 -8.40 -1.77 -16.80
C PHE B 301 -7.67 -0.44 -16.67
N ASN B 302 -7.90 0.44 -17.63
CA ASN B 302 -7.29 1.76 -17.60
C ASN B 302 -8.20 2.80 -16.98
N HIS B 303 -7.62 3.72 -16.22
CA HIS B 303 -8.43 4.74 -15.54
C HIS B 303 -8.85 5.85 -16.51
N GLY B 304 -8.01 6.14 -17.50
CA GLY B 304 -8.31 7.20 -18.45
C GLY B 304 -7.27 7.22 -19.55
N PHE B 305 -7.09 8.36 -20.22
CA PHE B 305 -6.17 8.38 -21.33
C PHE B 305 -4.76 8.09 -20.84
N ASN B 306 -4.11 7.10 -21.47
CA ASN B 306 -2.73 6.75 -21.12
C ASN B 306 -2.04 5.97 -22.22
N CYS B 307 -0.78 5.65 -22.00
CA CYS B 307 -0.04 4.88 -22.96
C CYS B 307 0.96 3.99 -22.29
N ALA B 308 0.94 2.72 -22.69
CA ALA B 308 1.80 1.72 -22.09
C ALA B 308 2.55 0.99 -23.17
N GLU B 309 3.75 0.54 -22.86
CA GLU B 309 4.57 -0.24 -23.77
C GLU B 309 4.90 -1.57 -23.11
N SER B 310 4.82 -2.66 -23.87
N SER B 310 4.83 -2.66 -23.86
CA SER B 310 5.04 -3.98 -23.29
CA SER B 310 5.10 -3.97 -23.28
C SER B 310 5.64 -4.97 -24.28
C SER B 310 5.68 -4.95 -24.28
N THR B 311 6.33 -5.98 -23.74
CA THR B 311 6.82 -7.10 -24.55
C THR B 311 6.98 -8.30 -23.63
N ASN B 312 7.26 -9.47 -24.20
CA ASN B 312 7.53 -10.64 -23.39
C ASN B 312 9.02 -10.77 -23.19
N PHE B 313 9.41 -11.59 -22.22
CA PHE B 313 10.82 -11.88 -22.03
C PHE B 313 10.92 -13.18 -21.27
N ALA B 314 12.12 -13.72 -21.15
CA ALA B 314 12.26 -15.01 -20.51
C ALA B 314 13.44 -15.06 -19.56
N THR B 315 13.44 -16.07 -18.68
CA THR B 315 14.59 -16.41 -17.87
C THR B 315 14.76 -17.93 -17.95
N ARG B 316 15.79 -18.47 -17.31
CA ARG B 316 16.01 -19.93 -17.31
C ARG B 316 14.82 -20.65 -16.66
N ARG B 317 14.26 -20.04 -15.63
CA ARG B 317 13.13 -20.62 -14.91
C ARG B 317 11.92 -20.78 -15.84
N TRP B 318 11.80 -19.90 -16.83
CA TRP B 318 10.64 -19.96 -17.73
C TRP B 318 10.58 -21.24 -18.58
N ILE B 319 11.75 -21.76 -18.94
CA ILE B 319 11.83 -22.87 -19.89
C ILE B 319 10.90 -24.01 -19.57
N GLU B 320 10.87 -24.41 -18.30
CA GLU B 320 10.01 -25.51 -17.90
C GLU B 320 8.53 -25.15 -18.12
N TYR B 321 8.16 -23.91 -17.86
CA TYR B 321 6.80 -23.45 -18.15
C TYR B 321 6.53 -23.50 -19.64
N GLY B 322 7.48 -23.01 -20.42
CA GLY B 322 7.36 -23.02 -21.87
C GLY B 322 7.09 -24.41 -22.38
N LYS B 323 7.78 -25.38 -21.79
CA LYS B 323 7.66 -26.80 -22.16
C LYS B 323 6.27 -27.34 -21.88
N GLN B 324 5.64 -26.85 -20.83
CA GLN B 324 4.40 -27.44 -20.36
C GLN B 324 3.15 -26.62 -20.64
N ALA B 325 3.34 -25.47 -21.27
CA ALA B 325 2.25 -24.55 -21.52
C ALA B 325 1.15 -25.20 -22.34
N VAL B 326 -0.10 -25.08 -21.92
CA VAL B 326 -1.21 -25.55 -22.73
C VAL B 326 -1.64 -24.45 -23.70
N LEU B 327 -1.66 -24.76 -24.99
CA LEU B 327 -1.86 -23.71 -25.99
C LEU B 327 -3.23 -23.74 -26.63
N CYS B 328 -3.58 -22.61 -27.25
CA CYS B 328 -4.84 -22.49 -27.99
C CYS B 328 -4.90 -23.57 -29.09
N SER B 329 -5.98 -24.34 -29.11
CA SER B 329 -6.08 -25.40 -30.12
C SER B 329 -6.98 -25.02 -31.30
N CYS B 330 -7.58 -23.83 -31.27
CA CYS B 330 -8.62 -23.48 -32.24
C CYS B 330 -8.26 -22.40 -33.26
N ARG B 331 -7.02 -21.91 -33.23
CA ARG B 331 -6.53 -21.01 -34.28
C ARG B 331 -5.13 -21.41 -34.73
N LYS B 332 -5.00 -21.70 -36.02
CA LYS B 332 -3.70 -21.98 -36.64
C LYS B 332 -2.80 -20.75 -36.59
N ASP B 333 -3.39 -19.57 -36.44
CA ASP B 333 -2.65 -18.32 -36.45
C ASP B 333 -2.45 -17.74 -35.04
N MET B 334 -2.06 -18.62 -34.11
CA MET B 334 -1.69 -18.20 -32.75
C MET B 334 -0.23 -18.49 -32.41
N VAL B 335 0.28 -17.71 -31.44
CA VAL B 335 1.69 -17.74 -31.09
C VAL B 335 2.14 -19.07 -30.52
N LYS B 336 3.11 -19.68 -31.19
CA LYS B 336 3.68 -20.94 -30.73
C LYS B 336 5.19 -20.84 -30.88
N ILE B 337 5.89 -21.11 -29.79
CA ILE B 337 7.33 -21.05 -29.82
C ILE B 337 7.89 -22.45 -29.67
N SER B 338 8.84 -22.79 -30.54
CA SER B 338 9.56 -24.06 -30.48
C SER B 338 10.51 -24.09 -29.29
N MET B 339 10.32 -25.06 -28.39
CA MET B 339 11.09 -25.14 -27.16
C MET B 339 12.48 -25.83 -27.32
N ASP B 340 12.67 -26.45 -28.47
CA ASP B 340 13.83 -27.28 -28.75
C ASP B 340 15.17 -26.57 -28.47
N VAL B 341 15.32 -25.38 -29.03
CA VAL B 341 16.53 -24.61 -28.82
C VAL B 341 16.80 -24.37 -27.33
N PHE B 342 15.76 -24.22 -26.53
CA PHE B 342 15.94 -23.91 -25.10
C PHE B 342 16.36 -25.15 -24.31
N VAL B 343 15.72 -26.27 -24.63
CA VAL B 343 16.04 -27.51 -23.96
C VAL B 343 17.45 -27.91 -24.32
N ARG B 344 17.79 -27.76 -25.59
CA ARG B 344 19.12 -28.13 -26.10
C ARG B 344 20.24 -27.37 -25.41
N LYS B 345 20.07 -26.06 -25.26
CA LYS B 345 21.13 -25.21 -24.73
C LYS B 345 21.22 -25.13 -23.21
N PHE B 346 20.08 -25.22 -22.51
CA PHE B 346 20.06 -25.02 -21.05
C PHE B 346 19.69 -26.27 -20.26
N GLN B 347 19.11 -27.25 -20.93
CA GLN B 347 18.86 -28.53 -20.27
C GLN B 347 19.46 -29.71 -21.05
N PRO B 348 20.77 -29.64 -21.40
CA PRO B 348 21.32 -30.68 -22.28
C PRO B 348 21.16 -32.09 -21.75
N GLU B 349 21.19 -32.25 -20.42
CA GLU B 349 21.12 -33.57 -19.81
C GLU B 349 19.72 -34.17 -19.90
N ARG B 350 18.73 -33.35 -20.26
CA ARG B 350 17.36 -33.86 -20.31
C ARG B 350 16.80 -33.91 -21.74
N TYR B 351 17.57 -33.38 -22.68
CA TYR B 351 17.11 -33.23 -24.07
C TYR B 351 16.65 -34.51 -24.74
N LYS B 352 17.46 -35.55 -24.66
CA LYS B 352 17.11 -36.83 -25.27
C LYS B 352 15.79 -37.34 -24.72
N LEU B 353 15.66 -37.29 -23.40
CA LEU B 353 14.45 -37.72 -22.69
C LEU B 353 13.24 -36.91 -23.15
N TRP B 354 13.40 -35.59 -23.18
CA TRP B 354 12.34 -34.67 -23.57
C TRP B 354 11.85 -34.97 -24.97
N LYS B 355 12.80 -35.12 -25.89
CA LYS B 355 12.47 -35.36 -27.30
C LYS B 355 11.64 -36.62 -27.46
N ALA B 356 11.76 -37.52 -26.49
CA ALA B 356 11.05 -38.78 -26.53
C ALA B 356 9.78 -38.75 -25.70
N GLY B 357 9.33 -37.57 -25.31
CA GLY B 357 8.14 -37.45 -24.47
C GLY B 357 8.24 -38.11 -23.09
N LYS B 358 9.44 -38.38 -22.62
CA LYS B 358 9.63 -39.01 -21.31
C LYS B 358 10.08 -38.03 -20.21
N ASP B 359 10.08 -36.73 -20.49
CA ASP B 359 10.44 -35.71 -19.48
C ASP B 359 9.24 -35.30 -18.61
N ASN B 360 9.13 -35.91 -17.43
CA ASN B 360 8.04 -35.60 -16.51
C ASN B 360 8.50 -34.73 -15.32
N THR B 361 9.27 -33.69 -15.62
CA THR B 361 9.61 -32.65 -14.67
C THR B 361 8.34 -32.00 -14.13
N VAL B 362 8.30 -31.76 -12.83
CA VAL B 362 7.17 -31.08 -12.19
C VAL B 362 7.56 -29.66 -11.78
N ILE B 363 6.71 -28.69 -12.10
CA ILE B 363 7.04 -27.30 -11.77
C ILE B 363 6.62 -26.91 -10.36
N ASP B 364 7.57 -26.36 -9.60
CA ASP B 364 7.30 -25.77 -8.30
C ASP B 364 7.26 -24.24 -8.45
N HIS B 365 6.04 -23.68 -8.42
CA HIS B 365 5.84 -22.26 -8.69
C HIS B 365 6.43 -21.34 -7.64
N THR B 366 6.89 -21.90 -6.52
CA THR B 366 7.44 -21.06 -5.44
C THR B 366 8.94 -20.83 -5.59
N LEU B 367 9.62 -21.70 -6.34
CA LEU B 367 11.08 -21.57 -6.52
C LEU B 367 11.50 -20.34 -7.34
N PRO B 368 12.62 -19.70 -6.94
CA PRO B 368 13.23 -18.62 -7.73
C PRO B 368 13.95 -19.15 -8.97
N THR B 369 14.23 -18.28 -9.94
CA THR B 369 15.00 -18.68 -11.12
C THR B 369 16.39 -19.06 -10.65
N PRO B 370 17.02 -20.08 -11.29
CA PRO B 370 18.36 -20.51 -10.86
C PRO B 370 19.36 -19.35 -10.70
N GLU B 371 19.23 -18.32 -11.54
CA GLU B 371 20.13 -17.16 -11.53
C GLU B 371 20.12 -16.38 -10.21
N ALA B 372 19.14 -16.67 -9.34
CA ALA B 372 18.98 -15.97 -8.06
C ALA B 372 19.75 -16.61 -6.90
N ALA B 373 20.64 -17.55 -7.23
CA ALA B 373 21.45 -18.21 -6.22
C ALA B 373 22.42 -17.21 -5.57
N GLU B 374 22.80 -16.21 -6.35
CA GLU B 374 23.74 -15.16 -5.96
C GLU B 374 23.29 -14.39 -4.71
N PHE B 375 21.97 -14.26 -4.53
CA PHE B 375 21.42 -13.54 -3.41
C PHE B 375 20.96 -14.49 -2.28
NI NI C . -1.17 6.71 19.60
ZN ZN D . -7.75 -8.16 21.24
O01 N81 E . 1.18 7.05 19.64
C02 N81 E . 0.81 7.44 20.93
C03 N81 E . 1.96 6.94 21.79
C04 N81 E . 1.59 5.60 22.40
C05 N81 E . 2.80 4.95 23.04
O06 N81 E . 3.91 5.56 23.00
O07 N81 E . 2.68 3.82 23.61
C08 N81 E . 2.37 7.94 22.83
O09 N81 E . 1.45 8.45 23.54
O10 N81 E . 3.60 8.25 22.95
C11 N81 E . 0.44 8.93 20.92
O12 N81 E . -0.76 9.23 20.70
O13 N81 E . 1.27 9.86 21.12
S DMS F . 1.11 -15.35 14.80
O DMS F . -0.02 -15.82 15.64
C1 DMS F . 1.23 -13.55 14.88
C2 DMS F . 0.67 -15.65 13.10
C1 EDO G . -7.01 -6.22 12.84
O1 EDO G . -7.30 -7.41 13.58
C2 EDO G . -5.90 -5.40 13.50
O2 EDO G . -6.35 -4.25 14.28
C1 EDO H . 2.95 15.54 38.60
O1 EDO H . 3.34 14.60 37.59
C2 EDO H . 1.78 16.39 38.10
O2 EDO H . 0.75 15.53 37.59
C1 EDO I . 0.46 -3.09 -3.52
O1 EDO I . 0.57 -1.67 -3.57
C2 EDO I . -1.01 -3.50 -3.60
O2 EDO I . -1.16 -4.68 -4.41
NI NI J . -0.60 -9.87 -20.46
ZN ZN K . -8.34 -21.20 -28.97
O01 N81 L . -1.59 -7.82 -20.25
C02 N81 L . -0.86 -6.67 -19.90
C03 N81 L . -1.13 -5.59 -20.90
C04 N81 L . -2.37 -4.84 -20.51
C05 N81 L . -2.61 -3.64 -21.38
O06 N81 L . -1.90 -2.60 -21.22
O07 N81 L . -3.52 -3.70 -22.26
C08 N81 L . -1.29 -6.18 -22.28
O09 N81 L . -0.24 -6.50 -22.90
O10 N81 L . -2.46 -6.37 -22.76
C11 N81 L . 0.61 -6.97 -19.89
O12 N81 L . 1.02 -8.14 -19.61
O13 N81 L . 1.40 -6.02 -20.19
S DMS M . -20.53 -20.81 -23.37
O DMS M . -19.30 -21.63 -23.27
C1 DMS M . -20.03 -19.10 -23.78
C2 DMS M . -21.24 -20.55 -21.73
C1 EDO N . -8.56 -21.85 -19.88
O1 EDO N . -7.56 -21.22 -20.69
C2 EDO N . -8.71 -23.31 -20.29
O2 EDO N . -9.29 -23.30 -21.61
C1 EDO O . 9.65 -22.57 -11.05
O1 EDO O . 9.51 -21.77 -9.86
C2 EDO O . 11.07 -23.16 -11.10
O2 EDO O . 11.13 -24.38 -10.37
C1 EDO P . -0.08 -19.25 -26.78
O1 EDO P . 1.34 -19.23 -26.98
C2 EDO P . -0.69 -20.34 -27.65
O2 EDO P . -2.10 -20.18 -27.81
C1 EDO Q . -2.48 -2.67 -34.55
O1 EDO Q . -1.57 -2.53 -35.65
C2 EDO Q . -2.45 -1.36 -33.76
O2 EDO Q . -3.62 -0.56 -33.91
#